data_9KHQ
#
_entry.id   9KHQ
#
_cell.length_a   143.141
_cell.length_b   143.141
_cell.length_c   85.053
_cell.angle_alpha   90.00
_cell.angle_beta   90.00
_cell.angle_gamma   90.00
#
_symmetry.space_group_name_H-M   'P 42 21 2'
#
loop_
_entity.id
_entity.type
_entity.pdbx_description
1 polymer 'N-acylhomoserine lactonase'
2 non-polymer 'NICKEL (II) ION'
3 non-polymer 'MAGNESIUM ION'
4 water water
#
_entity_poly.entity_id   1
_entity_poly.type   'polypeptide(L)'
_entity_poly.pdbx_seq_one_letter_code
;MAAPRLYMFQTGTLKCRVCNIKMNAGLDDYEIPVPWYLITHPKGNVVIDGGCAVECASDPKGYWGDITSVYWPVMREEEG
CVQALKAFGIEPADVRYVLHSHLHLDHTGATGRFPNAIHIVRRCEYEYAMAPDWFSAGGYIRADFDRPDVKWHLLEDHDD
GYDVFGDDTIRFIFTPGHAPGHSSFLLRLPETGPVLLAVDAAYTTDHWDEKALPGFLASTVDAVRSVRKLHALAEKTGAL
VVTGHDPEAWPTFRHAPEYYA
;
_entity_poly.pdbx_strand_id   A,B,C
#
# COMPACT_ATOMS: atom_id res chain seq x y z
N ALA A 2 20.62 -11.65 20.79
CA ALA A 2 20.02 -10.60 21.60
C ALA A 2 18.78 -10.02 20.92
N ALA A 3 17.70 -9.79 21.67
CA ALA A 3 16.48 -9.21 21.11
C ALA A 3 16.69 -7.71 20.85
N PRO A 4 15.86 -7.12 19.99
CA PRO A 4 16.10 -5.72 19.62
C PRO A 4 15.90 -4.77 20.79
N ARG A 5 16.69 -3.69 20.79
CA ARG A 5 16.57 -2.63 21.78
C ARG A 5 16.59 -1.27 21.10
N LEU A 6 16.05 -0.28 21.81
CA LEU A 6 16.05 1.09 21.32
C LEU A 6 16.87 1.94 22.29
N TYR A 7 17.86 2.65 21.76
CA TYR A 7 18.69 3.56 22.53
C TYR A 7 18.47 4.98 22.04
N MET A 8 18.14 5.89 22.96
CA MET A 8 17.96 7.31 22.65
C MET A 8 19.25 8.07 22.96
N PHE A 9 19.90 8.60 21.93
CA PHE A 9 21.06 9.49 22.06
C PHE A 9 20.63 10.93 21.79
N GLN A 10 21.56 11.87 21.96
CA GLN A 10 21.36 13.24 21.51
C GLN A 10 22.72 13.81 21.10
N THR A 11 22.71 14.72 20.11
CA THR A 11 23.88 15.55 19.79
C THR A 11 23.69 16.94 20.40
N GLY A 12 23.87 17.00 21.72
CA GLY A 12 23.69 18.26 22.42
C GLY A 12 22.31 18.88 22.22
N THR A 13 22.30 20.20 22.04
CA THR A 13 21.07 20.97 21.96
C THR A 13 21.13 21.95 20.79
N LEU A 14 19.97 22.51 20.45
CA LEU A 14 19.87 23.65 19.55
C LEU A 14 19.30 24.86 20.29
N LYS A 15 19.89 26.02 20.05
CA LYS A 15 19.40 27.30 20.57
C LYS A 15 18.78 28.10 19.42
N CYS A 16 17.50 28.40 19.56
CA CYS A 16 16.76 29.22 18.61
C CYS A 16 15.82 30.16 19.36
N ARG A 17 14.74 30.58 18.70
CA ARG A 17 13.63 31.24 19.36
C ARG A 17 12.43 30.31 19.44
N VAL A 18 11.49 30.65 20.32
CA VAL A 18 10.28 29.84 20.49
C VAL A 18 9.53 29.73 19.17
N CYS A 19 9.41 30.84 18.44
CA CYS A 19 8.65 30.87 17.20
C CYS A 19 9.22 29.94 16.12
N ASN A 20 10.52 29.64 16.14
CA ASN A 20 11.05 28.65 15.22
C ASN A 20 10.44 27.26 15.43
N ILE A 21 10.08 26.94 16.68
CA ILE A 21 9.48 25.65 17.00
C ILE A 21 7.95 25.73 17.01
N LYS A 22 7.39 26.67 17.75
CA LYS A 22 5.95 26.90 17.81
C LYS A 22 5.64 28.16 17.00
N MET A 23 5.04 27.99 15.81
CA MET A 23 4.91 29.10 14.88
C MET A 23 4.22 30.29 15.54
N ASN A 24 4.81 31.47 15.33
CA ASN A 24 4.26 32.75 15.75
C ASN A 24 4.15 32.88 17.27
N ALA A 25 5.02 32.18 18.03
CA ALA A 25 4.88 32.16 19.48
C ALA A 25 5.84 33.13 20.19
N GLY A 26 6.42 34.09 19.47
CA GLY A 26 7.27 35.06 20.13
C GLY A 26 8.76 34.77 19.91
N LEU A 27 9.59 35.78 20.22
CA LEU A 27 11.00 35.74 19.89
C LEU A 27 11.88 35.40 21.09
N ASP A 28 11.30 34.88 22.18
CA ASP A 28 12.08 34.48 23.36
C ASP A 28 13.08 33.39 23.01
N ASP A 29 14.17 33.34 23.78
CA ASP A 29 15.13 32.25 23.66
C ASP A 29 14.46 30.91 23.95
N TYR A 30 15.00 29.87 23.31
CA TYR A 30 14.45 28.53 23.38
C TYR A 30 15.61 27.58 23.08
N GLU A 31 15.69 26.51 23.86
CA GLU A 31 16.71 25.49 23.64
C GLU A 31 16.05 24.11 23.62
N ILE A 32 16.39 23.31 22.63
CA ILE A 32 15.84 21.95 22.50
C ILE A 32 16.92 20.88 22.43
N PRO A 33 16.68 19.68 22.94
CA PRO A 33 17.60 18.58 22.68
C PRO A 33 17.53 18.18 21.21
N VAL A 34 18.62 17.60 20.71
CA VAL A 34 18.63 17.04 19.36
C VAL A 34 18.75 15.52 19.46
N PRO A 35 17.64 14.80 19.56
CA PRO A 35 17.70 13.34 19.70
C PRO A 35 18.06 12.65 18.40
N TRP A 36 18.59 11.43 18.54
CA TRP A 36 18.72 10.47 17.46
C TRP A 36 18.70 9.08 18.07
N TYR A 37 18.53 8.07 17.23
CA TYR A 37 18.16 6.76 17.73
C TYR A 37 19.02 5.65 17.14
N LEU A 38 19.33 4.67 17.99
CA LEU A 38 20.00 3.43 17.63
C LEU A 38 19.08 2.28 17.97
N ILE A 39 18.84 1.41 17.01
CA ILE A 39 18.12 0.16 17.21
C ILE A 39 19.13 -0.97 17.01
N THR A 40 19.45 -1.70 18.07
CA THR A 40 20.29 -2.89 17.91
C THR A 40 19.37 -4.07 17.60
N HIS A 41 19.78 -4.89 16.65
CA HIS A 41 18.85 -5.88 16.13
C HIS A 41 19.71 -7.04 15.71
N PRO A 42 19.31 -8.28 16.03
CA PRO A 42 20.08 -9.46 15.58
C PRO A 42 20.51 -9.38 14.13
N LYS A 43 19.69 -8.82 13.25
CA LYS A 43 20.02 -8.82 11.83
C LYS A 43 20.84 -7.62 11.37
N GLY A 44 21.18 -6.70 12.26
CA GLY A 44 21.99 -5.54 11.92
C GLY A 44 21.61 -4.34 12.76
N ASN A 45 22.58 -3.46 12.98
CA ASN A 45 22.33 -2.27 13.78
C ASN A 45 21.77 -1.17 12.87
N VAL A 46 20.92 -0.32 13.45
CA VAL A 46 20.19 0.69 12.68
C VAL A 46 20.37 2.04 13.36
N VAL A 47 20.80 3.03 12.59
CA VAL A 47 20.92 4.40 13.06
C VAL A 47 19.85 5.23 12.39
N ILE A 48 19.11 6.02 13.17
CA ILE A 48 18.10 6.94 12.64
C ILE A 48 18.65 8.36 12.72
N ASP A 49 18.83 8.99 11.57
CA ASP A 49 19.29 10.38 11.42
C ASP A 49 20.71 10.66 11.92
N GLY A 50 21.00 10.38 13.19
CA GLY A 50 22.33 10.64 13.71
C GLY A 50 22.58 12.06 14.19
N GLY A 51 21.56 12.90 14.34
CA GLY A 51 21.78 14.22 14.94
C GLY A 51 22.58 15.20 14.08
N CYS A 52 23.13 16.20 14.75
CA CYS A 52 23.92 17.22 14.06
C CYS A 52 25.29 16.67 13.72
N ALA A 53 25.79 17.02 12.53
CA ALA A 53 27.15 16.64 12.13
C ALA A 53 28.16 16.93 13.24
N VAL A 54 29.08 15.99 13.46
CA VAL A 54 30.11 16.18 14.49
C VAL A 54 30.93 17.43 14.20
N GLU A 55 31.04 17.82 12.93
CA GLU A 55 31.73 19.06 12.58
C GLU A 55 31.19 20.27 13.31
N CYS A 56 29.89 20.27 13.66
CA CYS A 56 29.28 21.37 14.39
C CYS A 56 29.83 21.54 15.80
N ALA A 57 30.53 20.54 16.34
CA ALA A 57 31.09 20.67 17.68
C ALA A 57 32.27 21.63 17.71
N SER A 58 33.01 21.74 16.61
CA SER A 58 34.21 22.56 16.55
C SER A 58 34.07 23.81 15.70
N ASP A 59 33.27 23.79 14.62
CA ASP A 59 33.12 24.96 13.75
C ASP A 59 31.72 25.01 13.17
N PRO A 60 30.72 25.34 14.01
CA PRO A 60 29.34 25.42 13.49
C PRO A 60 29.17 26.41 12.34
N LYS A 61 29.78 27.59 12.45
CA LYS A 61 29.63 28.59 11.40
C LYS A 61 30.27 28.14 10.10
N GLY A 62 31.44 27.52 10.16
CA GLY A 62 32.07 27.04 8.94
C GLY A 62 31.26 25.94 8.28
N TYR A 63 30.69 25.02 9.07
CA TYR A 63 30.08 23.84 8.45
C TYR A 63 28.63 24.11 8.02
N TRP A 64 27.84 24.80 8.84
CA TRP A 64 26.45 25.10 8.53
C TRP A 64 26.23 26.46 7.86
N GLY A 65 27.11 27.44 8.09
CA GLY A 65 26.96 28.73 7.47
C GLY A 65 25.91 29.60 8.13
N ASP A 66 25.24 30.43 7.33
CA ASP A 66 24.42 31.52 7.86
C ASP A 66 23.25 31.03 8.72
N ILE A 67 22.81 29.78 8.53
CA ILE A 67 21.67 29.26 9.26
C ILE A 67 21.95 29.20 10.78
N THR A 68 23.21 29.24 11.19
CA THR A 68 23.52 29.25 12.62
C THR A 68 22.98 30.48 13.35
N SER A 69 22.58 31.54 12.64
CA SER A 69 21.91 32.64 13.32
C SER A 69 20.47 32.30 13.70
N VAL A 70 19.89 31.23 13.16
CA VAL A 70 18.61 30.71 13.61
C VAL A 70 18.79 29.56 14.58
N TYR A 71 19.62 28.59 14.22
CA TYR A 71 19.87 27.40 15.03
C TYR A 71 21.36 27.37 15.36
N TRP A 72 21.71 27.67 16.61
CA TRP A 72 23.08 27.49 17.04
C TRP A 72 23.22 26.13 17.71
N PRO A 73 24.04 25.21 17.16
CA PRO A 73 24.18 23.89 17.78
C PRO A 73 25.20 23.88 18.91
N VAL A 74 24.80 23.42 20.10
CA VAL A 74 25.72 23.25 21.22
C VAL A 74 25.90 21.75 21.42
N MET A 75 27.10 21.26 21.10
CA MET A 75 27.40 19.84 21.29
C MET A 75 28.89 19.65 21.44
N ARG A 76 29.27 18.57 22.11
CA ARG A 76 30.65 18.17 22.23
C ARG A 76 31.01 17.19 21.13
N GLU A 77 32.31 17.06 20.88
CA GLU A 77 32.77 16.18 19.83
C GLU A 77 32.43 14.72 20.12
N GLU A 78 32.53 14.31 21.39
CA GLU A 78 32.21 12.93 21.77
C GLU A 78 30.74 12.61 21.52
N GLU A 79 29.90 13.62 21.28
CA GLU A 79 28.51 13.37 20.97
C GLU A 79 28.24 13.14 19.47
N GLY A 80 29.23 13.30 18.60
CA GLY A 80 29.05 12.91 17.21
C GLY A 80 28.68 11.43 17.12
N CYS A 81 27.81 11.10 16.16
CA CYS A 81 27.17 9.78 16.22
C CYS A 81 28.20 8.66 16.07
N VAL A 82 29.20 8.85 15.21
CA VAL A 82 30.22 7.82 15.04
C VAL A 82 31.04 7.66 16.32
N GLN A 83 31.49 8.79 16.87
CA GLN A 83 32.24 8.77 18.13
C GLN A 83 31.41 8.14 19.25
N ALA A 84 30.15 8.57 19.40
CA ALA A 84 29.28 7.99 20.43
C ALA A 84 29.11 6.48 20.25
N LEU A 85 28.92 6.03 19.01
CA LEU A 85 28.76 4.58 18.81
C LEU A 85 30.06 3.84 19.11
N LYS A 86 31.21 4.43 18.79
CA LYS A 86 32.47 3.77 19.08
C LYS A 86 32.68 3.61 20.57
N ALA A 87 32.37 4.66 21.34
CA ALA A 87 32.44 4.58 22.79
C ALA A 87 31.50 3.52 23.33
N PHE A 88 30.34 3.38 22.70
CA PHE A 88 29.34 2.41 23.15
C PHE A 88 29.67 0.99 22.71
N GLY A 89 30.53 0.81 21.73
CA GLY A 89 30.89 -0.55 21.38
C GLY A 89 30.58 -0.97 19.96
N ILE A 90 30.26 -0.02 19.08
CA ILE A 90 29.84 -0.33 17.72
C ILE A 90 30.71 0.47 16.74
N GLU A 91 31.46 -0.26 15.92
CA GLU A 91 32.36 0.31 14.94
C GLU A 91 31.55 0.75 13.70
N PRO A 92 32.01 1.78 13.00
CA PRO A 92 31.21 2.31 11.87
C PRO A 92 30.81 1.27 10.84
N ALA A 93 31.64 0.25 10.59
CA ALA A 93 31.26 -0.75 9.60
C ALA A 93 30.15 -1.66 10.09
N ASP A 94 29.82 -1.62 11.38
CA ASP A 94 28.82 -2.51 11.98
C ASP A 94 27.44 -1.85 12.01
N VAL A 95 27.10 -1.08 10.99
CA VAL A 95 25.77 -0.47 10.87
C VAL A 95 25.21 -0.88 9.52
N ARG A 96 24.06 -1.57 9.54
CA ARG A 96 23.48 -2.07 8.30
C ARG A 96 22.63 -1.01 7.60
N TYR A 97 21.86 -0.23 8.36
CA TYR A 97 20.93 0.75 7.80
C TYR A 97 21.07 2.09 8.51
N VAL A 98 21.02 3.16 7.73
CA VAL A 98 20.75 4.49 8.25
C VAL A 98 19.37 4.88 7.75
N LEU A 99 18.46 5.16 8.68
CA LEU A 99 17.13 5.64 8.33
C LEU A 99 17.09 7.15 8.48
N HIS A 100 16.42 7.85 7.57
CA HIS A 100 16.29 9.30 7.67
C HIS A 100 14.82 9.69 7.75
N SER A 101 14.45 10.32 8.87
CA SER A 101 13.13 10.95 8.94
C SER A 101 12.98 12.00 7.84
N HIS A 102 14.00 12.83 7.69
CA HIS A 102 14.10 13.84 6.63
C HIS A 102 15.55 14.29 6.60
N LEU A 103 15.87 15.26 5.75
CA LEU A 103 17.27 15.58 5.52
C LEU A 103 17.67 16.96 6.02
N HIS A 104 16.93 17.51 6.99
CA HIS A 104 17.31 18.78 7.63
C HIS A 104 18.62 18.64 8.42
N LEU A 105 19.23 19.79 8.70
CA LEU A 105 20.60 19.86 9.21
C LEU A 105 20.81 19.10 10.52
N ASP A 106 19.80 18.98 11.38
CA ASP A 106 20.01 18.29 12.64
C ASP A 106 19.57 16.83 12.57
N HIS A 107 19.43 16.30 11.36
CA HIS A 107 19.07 14.89 11.13
C HIS A 107 19.96 14.25 10.07
N THR A 108 21.12 14.82 9.75
CA THR A 108 21.99 14.25 8.72
C THR A 108 23.40 14.03 9.22
N GLY A 109 23.61 14.03 10.53
CA GLY A 109 24.92 13.75 11.08
C GLY A 109 25.43 12.36 10.75
N ALA A 110 24.53 11.41 10.47
CA ALA A 110 24.95 10.06 10.16
C ALA A 110 25.22 9.82 8.68
N THR A 111 24.71 10.69 7.80
CA THR A 111 24.70 10.35 6.37
C THR A 111 26.12 10.17 5.85
N GLY A 112 26.38 8.99 5.30
CA GLY A 112 27.68 8.67 4.78
C GLY A 112 28.77 8.42 5.81
N ARG A 113 28.47 8.34 7.09
CA ARG A 113 29.55 8.13 8.07
C ARG A 113 29.66 6.63 8.38
N PHE A 114 28.79 5.82 7.79
CA PHE A 114 28.78 4.39 8.05
C PHE A 114 28.95 3.68 6.73
N PRO A 115 30.17 3.17 6.46
CA PRO A 115 30.55 2.88 5.07
C PRO A 115 29.76 1.74 4.45
N ASN A 116 29.17 0.84 5.23
CA ASN A 116 28.39 -0.26 4.68
C ASN A 116 26.88 -0.04 4.78
N ALA A 117 26.41 1.09 5.31
CA ALA A 117 24.98 1.25 5.54
C ALA A 117 24.21 1.60 4.26
N ILE A 118 23.06 0.97 4.09
CA ILE A 118 22.05 1.45 3.15
C ILE A 118 21.25 2.54 3.85
N HIS A 119 21.12 3.68 3.19
CA HIS A 119 20.40 4.84 3.72
C HIS A 119 19.00 4.85 3.13
N ILE A 120 17.98 4.81 3.99
CA ILE A 120 16.60 4.71 3.56
C ILE A 120 15.89 6.03 3.89
N VAL A 121 15.36 6.69 2.85
CA VAL A 121 14.64 7.95 2.98
C VAL A 121 13.64 8.01 1.82
N ARG A 122 12.59 8.81 1.99
CA ARG A 122 11.66 9.03 0.90
C ARG A 122 12.35 9.70 -0.28
N ARG A 123 12.05 9.20 -1.48
CA ARG A 123 12.55 9.81 -2.70
C ARG A 123 12.25 11.30 -2.73
N CYS A 124 11.02 11.68 -2.40
CA CYS A 124 10.70 13.09 -2.56
C CYS A 124 11.48 13.96 -1.57
N GLU A 125 11.88 13.42 -0.41
CA GLU A 125 12.76 14.20 0.47
C GLU A 125 14.15 14.37 -0.13
N TYR A 126 14.74 13.29 -0.63
CA TYR A 126 16.05 13.38 -1.25
C TYR A 126 16.05 14.40 -2.39
N GLU A 127 15.01 14.38 -3.22
CA GLU A 127 14.94 15.29 -4.35
C GLU A 127 14.75 16.73 -3.90
N TYR A 128 13.87 16.96 -2.92
CA TYR A 128 13.68 18.31 -2.40
C TYR A 128 14.96 18.83 -1.76
N ALA A 129 15.66 17.96 -1.03
CA ALA A 129 16.93 18.36 -0.41
C ALA A 129 17.93 18.82 -1.45
N MET A 130 17.95 18.20 -2.64
CA MET A 130 18.86 18.63 -3.69
C MET A 130 18.40 19.90 -4.38
N ALA A 131 17.10 20.22 -4.39
CA ALA A 131 16.58 21.42 -5.06
C ALA A 131 15.57 22.13 -4.17
N PRO A 132 16.01 22.61 -3.02
CA PRO A 132 15.07 23.26 -2.08
C PRO A 132 14.67 24.65 -2.57
N ASP A 133 13.63 25.20 -1.94
CA ASP A 133 13.28 26.60 -2.17
C ASP A 133 14.09 27.50 -1.24
N TRP A 134 14.05 28.82 -1.53
CA TRP A 134 14.88 29.76 -0.80
C TRP A 134 14.60 29.71 0.70
N PHE A 135 13.34 29.49 1.10
CA PHE A 135 13.05 29.55 2.53
C PHE A 135 13.60 28.34 3.29
N SER A 136 13.93 27.25 2.59
CA SER A 136 14.40 26.07 3.28
C SER A 136 15.83 25.68 2.93
N ALA A 137 16.44 26.32 1.93
CA ALA A 137 17.74 25.89 1.44
C ALA A 137 18.78 25.81 2.56
N GLY A 138 18.70 26.73 3.53
CA GLY A 138 19.67 26.77 4.61
C GLY A 138 19.55 25.62 5.59
N GLY A 139 18.41 24.93 5.60
CA GLY A 139 18.25 23.78 6.46
C GLY A 139 18.77 22.47 5.91
N TYR A 140 19.28 22.46 4.68
CA TYR A 140 19.82 21.26 4.06
C TYR A 140 21.33 21.44 3.84
N ILE A 141 22.13 20.59 4.47
CA ILE A 141 23.59 20.66 4.42
C ILE A 141 24.07 19.66 3.39
N ARG A 142 24.40 20.14 2.18
CA ARG A 142 24.82 19.24 1.11
C ARG A 142 26.07 18.45 1.50
N ALA A 143 26.97 19.05 2.28
CA ALA A 143 28.17 18.34 2.70
C ALA A 143 27.82 17.09 3.50
N ASP A 144 26.66 17.07 4.16
CA ASP A 144 26.22 15.86 4.84
C ASP A 144 25.68 14.83 3.84
N PHE A 145 24.65 15.20 3.08
CA PHE A 145 23.88 14.18 2.38
C PHE A 145 24.22 14.07 0.90
N ASP A 146 24.97 15.00 0.34
CA ASP A 146 25.31 14.94 -1.08
C ASP A 146 26.70 14.36 -1.24
N ARG A 147 26.81 13.07 -0.96
CA ARG A 147 28.05 12.34 -1.02
C ARG A 147 27.93 11.23 -2.06
N PRO A 148 28.90 11.09 -2.96
CA PRO A 148 28.67 10.22 -4.13
C PRO A 148 28.62 8.74 -3.79
N ASP A 149 29.36 8.29 -2.78
CA ASP A 149 29.45 6.86 -2.52
C ASP A 149 28.41 6.35 -1.52
N VAL A 150 27.40 7.15 -1.19
CA VAL A 150 26.34 6.68 -0.31
C VAL A 150 25.38 5.80 -1.10
N LYS A 151 25.11 4.61 -0.57
CA LYS A 151 24.05 3.76 -1.10
C LYS A 151 22.72 4.22 -0.53
N TRP A 152 21.78 4.61 -1.41
CA TRP A 152 20.46 5.05 -1.00
C TRP A 152 19.42 4.03 -1.43
N HIS A 153 18.43 3.80 -0.60
CA HIS A 153 17.18 3.16 -0.99
C HIS A 153 16.12 4.25 -0.86
N LEU A 154 15.70 4.81 -1.99
CA LEU A 154 14.77 5.93 -2.01
C LEU A 154 13.35 5.38 -2.04
N LEU A 155 12.61 5.58 -0.95
CA LEU A 155 11.25 5.06 -0.90
C LEU A 155 10.30 5.85 -1.79
N GLU A 156 9.31 5.15 -2.32
CA GLU A 156 8.30 5.72 -3.19
C GLU A 156 7.01 5.95 -2.41
N ASP A 157 6.04 6.61 -3.06
CA ASP A 157 4.79 6.97 -2.39
C ASP A 157 4.05 5.76 -1.87
N HIS A 158 4.14 4.64 -2.56
CA HIS A 158 3.43 3.46 -2.14
C HIS A 158 4.19 2.68 -1.09
N ASP A 159 5.27 3.24 -0.55
CA ASP A 159 6.09 2.54 0.40
C ASP A 159 5.76 2.93 1.83
N ASP A 160 4.67 3.64 2.06
CA ASP A 160 4.24 3.93 3.41
C ASP A 160 4.15 2.65 4.22
N GLY A 161 4.61 2.69 5.46
CA GLY A 161 4.65 1.50 6.27
C GLY A 161 5.86 0.61 6.04
N TYR A 162 6.83 1.06 5.23
CA TYR A 162 8.00 0.23 4.88
C TYR A 162 8.61 -0.44 6.10
N ASP A 163 8.77 -1.76 6.02
CA ASP A 163 9.24 -2.58 7.13
C ASP A 163 10.71 -2.93 6.89
N VAL A 164 11.59 -2.41 7.74
CA VAL A 164 13.04 -2.45 7.48
C VAL A 164 13.54 -3.88 7.43
N PHE A 165 13.22 -4.68 8.45
CA PHE A 165 13.69 -6.05 8.51
C PHE A 165 12.64 -7.07 8.07
N GLY A 166 11.40 -6.64 7.81
CA GLY A 166 10.36 -7.58 7.51
C GLY A 166 9.80 -8.30 8.72
N ASP A 167 10.06 -7.81 9.92
CA ASP A 167 9.59 -8.47 11.13
C ASP A 167 8.76 -7.56 12.01
N ASP A 168 8.25 -6.46 11.47
CA ASP A 168 7.40 -5.52 12.19
C ASP A 168 8.15 -4.69 13.24
N THR A 169 9.47 -4.79 13.37
CA THR A 169 10.11 -4.06 14.46
C THR A 169 10.43 -2.60 14.13
N ILE A 170 10.63 -2.24 12.85
CA ILE A 170 10.78 -0.83 12.48
C ILE A 170 9.98 -0.57 11.20
N ARG A 171 9.06 0.38 11.26
CA ARG A 171 8.28 0.79 10.09
C ARG A 171 8.35 2.29 9.91
N PHE A 172 8.54 2.71 8.66
CA PHE A 172 8.34 4.11 8.27
C PHE A 172 6.86 4.47 8.28
N ILE A 173 6.51 5.55 8.95
CA ILE A 173 5.16 6.09 8.93
C ILE A 173 5.26 7.46 8.25
N PHE A 174 4.85 7.54 6.99
CA PHE A 174 5.01 8.78 6.23
C PHE A 174 4.17 9.88 6.88
N THR A 175 4.79 11.03 7.13
CA THR A 175 4.12 12.17 7.79
C THR A 175 4.57 13.45 7.11
N PRO A 176 4.09 13.70 5.89
CA PRO A 176 4.50 14.91 5.17
C PRO A 176 4.01 16.17 5.89
N GLY A 177 4.70 17.27 5.62
CA GLY A 177 4.26 18.56 6.11
C GLY A 177 5.40 19.40 6.63
N HIS A 178 6.04 18.91 7.70
CA HIS A 178 7.20 19.63 8.21
C HIS A 178 8.29 19.73 7.15
N ALA A 179 8.47 18.66 6.38
CA ALA A 179 9.28 18.65 5.17
C ALA A 179 8.56 17.76 4.17
N PRO A 180 8.80 17.95 2.87
CA PRO A 180 8.00 17.19 1.89
C PRO A 180 8.07 15.69 2.07
N GLY A 181 9.24 15.16 2.39
CA GLY A 181 9.40 13.72 2.50
C GLY A 181 9.56 13.25 3.92
N HIS A 182 9.01 14.02 4.87
CA HIS A 182 9.22 13.66 6.26
C HIS A 182 8.53 12.35 6.59
N SER A 183 9.23 11.52 7.36
CA SER A 183 8.70 10.27 7.82
C SER A 183 8.90 10.12 9.32
N SER A 184 7.90 9.57 10.00
CA SER A 184 8.00 9.15 11.39
C SER A 184 8.31 7.64 11.44
N PHE A 185 8.48 7.10 12.64
CA PHE A 185 8.81 5.68 12.76
C PHE A 185 7.97 5.05 13.85
N LEU A 186 7.44 3.87 13.55
CA LEU A 186 6.76 3.01 14.52
C LEU A 186 7.67 1.84 14.84
N LEU A 187 8.13 1.78 16.06
CA LEU A 187 8.96 0.66 16.53
C LEU A 187 8.10 -0.30 17.34
N ARG A 188 8.41 -1.60 17.26
CA ARG A 188 7.84 -2.59 18.17
C ARG A 188 8.98 -3.34 18.85
N LEU A 189 9.03 -3.29 20.19
CA LEU A 189 10.09 -3.91 20.97
C LEU A 189 9.54 -5.02 21.85
N PRO A 190 10.31 -6.11 22.09
CA PRO A 190 9.76 -7.26 22.83
C PRO A 190 9.08 -6.91 24.15
N GLU A 191 9.71 -6.09 24.98
CA GLU A 191 9.12 -5.76 26.27
C GLU A 191 8.33 -4.45 26.24
N THR A 192 8.92 -3.38 25.71
CA THR A 192 8.21 -2.10 25.70
C THR A 192 6.95 -2.15 24.84
N GLY A 193 6.94 -2.92 23.77
CA GLY A 193 5.84 -2.87 22.83
C GLY A 193 5.99 -1.73 21.84
N PRO A 194 4.87 -1.14 21.41
CA PRO A 194 4.92 -0.12 20.34
C PRO A 194 5.51 1.20 20.83
N VAL A 195 6.42 1.74 20.04
CA VAL A 195 7.02 3.06 20.31
C VAL A 195 6.90 3.88 19.04
N LEU A 196 6.31 5.06 19.14
CA LEU A 196 6.06 5.91 17.99
C LEU A 196 7.02 7.09 18.07
N LEU A 197 8.01 7.11 17.19
CA LEU A 197 8.93 8.24 17.12
C LEU A 197 8.35 9.23 16.12
N ALA A 198 7.73 10.30 16.63
CA ALA A 198 7.12 11.28 15.76
C ALA A 198 8.16 12.07 14.97
N VAL A 199 9.39 12.19 15.50
CA VAL A 199 10.42 13.11 15.00
C VAL A 199 9.77 14.48 14.75
N ASP A 200 10.07 15.12 13.63
CA ASP A 200 9.61 16.48 13.43
C ASP A 200 8.17 16.59 12.92
N ALA A 201 7.43 15.49 12.83
CA ALA A 201 6.00 15.64 12.60
C ALA A 201 5.31 16.32 13.77
N ALA A 202 5.91 16.25 14.96
CA ALA A 202 5.34 16.83 16.17
C ALA A 202 6.53 17.21 17.05
N TYR A 203 7.00 18.45 16.86
CA TYR A 203 8.12 19.01 17.63
C TYR A 203 7.95 18.78 19.13
N THR A 204 6.77 19.13 19.66
CA THR A 204 6.51 19.18 21.10
C THR A 204 5.16 18.57 21.41
N THR A 205 4.92 18.39 22.72
CA THR A 205 3.60 17.98 23.19
C THR A 205 2.52 18.96 22.76
N ASP A 206 2.86 20.25 22.67
CA ASP A 206 1.91 21.26 22.21
C ASP A 206 1.48 21.01 20.78
N HIS A 207 2.43 20.69 19.89
CA HIS A 207 2.09 20.31 18.53
C HIS A 207 1.19 19.08 18.51
N TRP A 208 1.52 18.08 19.32
CA TRP A 208 0.70 16.87 19.37
C TRP A 208 -0.73 17.20 19.82
N ASP A 209 -0.88 18.13 20.76
CA ASP A 209 -2.19 18.53 21.28
C ASP A 209 -2.87 19.60 20.44
N GLU A 210 -2.33 19.94 19.28
CA GLU A 210 -2.92 20.94 18.38
C GLU A 210 -3.08 22.30 19.06
N LYS A 211 -2.11 22.66 19.91
CA LYS A 211 -1.99 24.00 20.47
C LYS A 211 -0.84 24.78 19.83
N ALA A 212 -0.20 24.24 18.80
CA ALA A 212 0.90 24.93 18.13
C ALA A 212 1.12 24.31 16.77
N LEU A 213 1.59 25.12 15.84
CA LEU A 213 2.01 24.73 14.50
C LEU A 213 3.54 24.73 14.42
N PRO A 214 4.11 23.89 13.55
CA PRO A 214 5.57 23.94 13.35
C PRO A 214 6.01 25.29 12.81
N GLY A 215 7.01 25.88 13.47
CA GLY A 215 7.54 27.16 13.01
C GLY A 215 8.47 27.07 11.84
N PHE A 216 8.70 25.86 11.32
CA PHE A 216 9.44 25.62 10.08
C PHE A 216 8.74 24.48 9.36
N LEU A 217 8.12 24.75 8.21
CA LEU A 217 7.34 23.71 7.55
C LEU A 217 7.25 23.96 6.06
N ALA A 218 6.96 22.89 5.33
CA ALA A 218 6.69 22.96 3.90
C ALA A 218 5.19 23.07 3.59
N SER A 219 4.34 22.40 4.39
CA SER A 219 2.90 22.44 4.18
C SER A 219 2.16 22.30 5.51
N THR A 220 1.38 23.32 5.87
CA THR A 220 0.56 23.26 7.09
C THR A 220 -0.54 22.23 6.97
N VAL A 221 -1.23 22.24 5.84
CA VAL A 221 -2.28 21.26 5.57
C VAL A 221 -1.77 19.84 5.80
N ASP A 222 -0.65 19.49 5.15
CA ASP A 222 -0.06 18.16 5.35
C ASP A 222 0.35 17.94 6.81
N ALA A 223 0.91 18.98 7.44
CA ALA A 223 1.46 18.81 8.78
C ALA A 223 0.36 18.51 9.79
N VAL A 224 -0.78 19.22 9.72
CA VAL A 224 -1.84 18.95 10.67
C VAL A 224 -2.46 17.58 10.38
N ARG A 225 -2.59 17.22 9.10
CA ARG A 225 -3.15 15.91 8.80
C ARG A 225 -2.21 14.79 9.22
N SER A 226 -0.89 15.02 9.14
CA SER A 226 0.07 14.02 9.60
C SER A 226 -0.01 13.84 11.11
N VAL A 227 -0.20 14.92 11.87
CA VAL A 227 -0.35 14.75 13.31
C VAL A 227 -1.60 13.93 13.62
N ARG A 228 -2.70 14.15 12.89
CA ARG A 228 -3.90 13.37 13.16
C ARG A 228 -3.73 11.93 12.71
N LYS A 229 -2.95 11.69 11.64
CA LYS A 229 -2.60 10.32 11.27
C LYS A 229 -1.85 9.62 12.40
N LEU A 230 -0.97 10.34 13.11
CA LEU A 230 -0.25 9.74 14.22
C LEU A 230 -1.13 9.58 15.46
N HIS A 231 -2.09 10.49 15.67
CA HIS A 231 -3.09 10.28 16.71
C HIS A 231 -3.77 8.94 16.54
N ALA A 232 -4.25 8.67 15.31
CA ALA A 232 -4.95 7.42 15.06
C ALA A 232 -4.03 6.21 15.25
N LEU A 233 -2.80 6.29 14.78
CA LEU A 233 -1.89 5.17 14.96
C LEU A 233 -1.64 4.89 16.44
N ALA A 234 -1.47 5.95 17.23
CA ALA A 234 -1.19 5.77 18.66
C ALA A 234 -2.42 5.21 19.39
N GLU A 235 -3.61 5.65 18.97
CA GLU A 235 -4.85 5.13 19.55
C GLU A 235 -5.05 3.67 19.17
N LYS A 236 -4.71 3.31 17.93
CA LYS A 236 -4.87 1.92 17.50
C LYS A 236 -3.91 0.98 18.20
N THR A 237 -2.64 1.38 18.31
CA THR A 237 -1.58 0.49 18.78
C THR A 237 -1.28 0.63 20.26
N GLY A 238 -1.76 1.70 20.89
CA GLY A 238 -1.36 2.00 22.25
C GLY A 238 0.10 2.38 22.39
N ALA A 239 0.67 3.03 21.37
CA ALA A 239 2.11 3.27 21.36
C ALA A 239 2.54 4.31 22.38
N LEU A 240 3.75 4.14 22.90
CA LEU A 240 4.40 5.23 23.62
C LEU A 240 4.80 6.30 22.60
N VAL A 241 4.34 7.53 22.80
CA VAL A 241 4.53 8.60 21.83
C VAL A 241 5.74 9.43 22.22
N VAL A 242 6.70 9.56 21.32
CA VAL A 242 7.93 10.31 21.54
C VAL A 242 7.97 11.47 20.55
N THR A 243 7.78 12.70 21.04
CA THR A 243 7.84 13.87 20.16
C THR A 243 9.28 14.15 19.73
N GLY A 244 9.42 15.09 18.78
CA GLY A 244 10.72 15.29 18.17
C GLY A 244 11.76 15.91 19.08
N HIS A 245 11.38 16.96 19.82
CA HIS A 245 12.33 17.80 20.53
C HIS A 245 11.85 18.23 21.92
N ASP A 246 10.77 17.68 22.45
CA ASP A 246 10.11 18.34 23.56
C ASP A 246 11.05 18.50 24.75
N PRO A 247 11.40 19.73 25.15
CA PRO A 247 12.41 19.89 26.20
C PRO A 247 11.93 19.43 27.57
N GLU A 248 10.62 19.47 27.82
CA GLU A 248 10.11 18.95 29.09
C GLU A 248 9.93 17.43 29.08
N ALA A 249 9.47 16.84 27.97
CA ALA A 249 9.32 15.38 27.96
C ALA A 249 10.66 14.68 27.87
N TRP A 250 11.65 15.30 27.24
CA TRP A 250 12.90 14.61 26.95
C TRP A 250 13.58 14.04 28.19
N PRO A 251 13.65 14.73 29.33
CA PRO A 251 14.21 14.11 30.54
C PRO A 251 13.44 12.92 31.05
N THR A 252 12.19 12.72 30.64
CA THR A 252 11.44 11.63 31.23
C THR A 252 11.72 10.29 30.55
N PHE A 253 12.44 10.28 29.43
CA PHE A 253 12.80 9.03 28.77
C PHE A 253 14.19 8.57 29.20
N ARG A 254 14.40 7.27 29.19
CA ARG A 254 15.74 6.75 29.37
C ARG A 254 16.62 7.16 28.19
N HIS A 255 17.84 7.57 28.49
CA HIS A 255 18.79 7.95 27.43
C HIS A 255 20.00 7.00 27.49
N ALA A 256 20.65 6.79 26.35
CA ALA A 256 21.85 5.93 26.25
C ALA A 256 22.90 6.36 27.27
N PRO A 257 23.36 5.47 28.17
CA PRO A 257 23.49 4.04 27.90
C PRO A 257 22.26 3.18 28.26
N GLU A 258 21.24 3.80 28.83
CA GLU A 258 19.98 3.06 29.16
C GLU A 258 19.18 2.87 27.87
N TYR A 259 18.21 1.97 27.89
CA TYR A 259 17.53 1.59 26.67
C TYR A 259 16.14 1.09 26.96
N TYR A 260 15.37 0.96 25.88
CA TYR A 260 14.03 0.39 25.92
C TYR A 260 14.12 -1.03 25.40
N ALA A 261 13.78 -1.99 26.26
CA ALA A 261 13.75 -3.37 25.86
C ALA A 261 12.38 -3.69 25.23
N ALA B 3 2.96 -29.14 -0.64
CA ALA B 3 3.81 -27.96 -0.44
C ALA B 3 4.25 -27.37 -1.78
N PRO B 4 4.47 -26.05 -1.82
CA PRO B 4 4.70 -25.38 -3.09
C PRO B 4 6.08 -25.62 -3.67
N ARG B 5 6.14 -25.66 -5.01
CA ARG B 5 7.40 -25.82 -5.73
C ARG B 5 7.45 -24.89 -6.94
N LEU B 6 8.67 -24.52 -7.32
CA LEU B 6 8.94 -23.69 -8.50
C LEU B 6 9.68 -24.51 -9.55
N TYR B 7 9.17 -24.49 -10.78
CA TYR B 7 9.81 -25.13 -11.92
C TYR B 7 10.16 -24.06 -12.95
N MET B 8 11.41 -24.05 -13.40
CA MET B 8 11.87 -23.17 -14.47
C MET B 8 11.83 -23.93 -15.79
N PHE B 9 10.96 -23.48 -16.71
CA PHE B 9 10.91 -23.98 -18.08
C PHE B 9 11.54 -22.94 -19.00
N GLN B 10 11.54 -23.25 -20.30
CA GLN B 10 11.88 -22.27 -21.33
C GLN B 10 11.23 -22.69 -22.63
N THR B 11 10.90 -21.69 -23.45
CA THR B 11 10.42 -21.92 -24.82
C THR B 11 11.56 -21.56 -25.77
N GLY B 12 12.56 -22.44 -25.83
CA GLY B 12 13.67 -22.24 -26.74
C GLY B 12 14.38 -20.93 -26.47
N THR B 13 14.82 -20.29 -27.56
CA THR B 13 15.61 -19.09 -27.48
C THR B 13 15.09 -18.04 -28.45
N LEU B 14 15.56 -16.82 -28.26
CA LEU B 14 15.39 -15.71 -29.20
C LEU B 14 16.75 -15.34 -29.75
N LYS B 15 16.83 -15.14 -31.06
CA LYS B 15 18.05 -14.67 -31.72
C LYS B 15 17.88 -13.20 -32.07
N CYS B 16 18.83 -12.37 -31.65
CA CYS B 16 18.74 -10.93 -31.92
C CYS B 16 20.14 -10.36 -31.99
N ARG B 17 20.27 -9.06 -31.77
CA ARG B 17 21.57 -8.41 -31.62
C ARG B 17 21.79 -8.02 -30.16
N VAL B 18 23.07 -7.92 -29.78
CA VAL B 18 23.43 -7.56 -28.41
C VAL B 18 22.70 -6.30 -27.97
N CYS B 19 22.70 -5.28 -28.83
CA CYS B 19 22.12 -3.98 -28.48
C CYS B 19 20.63 -4.04 -28.21
N ASN B 20 19.92 -5.07 -28.71
CA ASN B 20 18.51 -5.19 -28.37
C ASN B 20 18.32 -5.50 -26.89
N ILE B 21 19.30 -6.13 -26.28
CA ILE B 21 19.24 -6.50 -24.87
C ILE B 21 20.04 -5.53 -24.00
N LYS B 22 21.25 -5.21 -24.42
CA LYS B 22 22.10 -4.24 -23.73
C LYS B 22 22.19 -3.00 -24.63
N MET B 23 21.48 -1.94 -24.27
CA MET B 23 21.28 -0.78 -25.13
C MET B 23 22.61 -0.22 -25.60
N ASN B 24 22.72 0.00 -26.91
CA ASN B 24 23.83 0.67 -27.59
C ASN B 24 25.12 -0.14 -27.60
N ALA B 25 25.06 -1.43 -27.30
CA ALA B 25 26.24 -2.28 -27.14
C ALA B 25 26.71 -2.90 -28.47
N GLY B 26 26.23 -2.40 -29.59
CA GLY B 26 26.69 -2.90 -30.88
C GLY B 26 25.79 -3.95 -31.49
N LEU B 27 26.11 -4.30 -32.73
CA LEU B 27 25.21 -5.03 -33.61
C LEU B 27 25.52 -6.53 -33.73
N ASP B 28 26.32 -7.08 -32.84
CA ASP B 28 26.71 -8.49 -32.91
C ASP B 28 25.51 -9.41 -32.71
N ASP B 29 25.68 -10.65 -33.14
CA ASP B 29 24.67 -11.68 -32.93
C ASP B 29 24.60 -12.06 -31.45
N TYR B 30 23.42 -12.48 -31.03
CA TYR B 30 23.18 -12.69 -29.61
C TYR B 30 21.98 -13.62 -29.45
N GLU B 31 22.05 -14.50 -28.47
CA GLU B 31 21.00 -15.50 -28.27
C GLU B 31 20.69 -15.63 -26.79
N ILE B 32 19.40 -15.61 -26.44
CA ILE B 32 18.96 -15.63 -25.04
C ILE B 32 17.90 -16.70 -24.81
N PRO B 33 17.87 -17.34 -23.65
CA PRO B 33 16.76 -18.25 -23.33
C PRO B 33 15.49 -17.45 -23.06
N VAL B 34 14.36 -18.13 -23.20
CA VAL B 34 13.07 -17.50 -22.90
C VAL B 34 12.44 -18.26 -21.74
N PRO B 35 12.74 -17.91 -20.49
CA PRO B 35 12.18 -18.66 -19.37
C PRO B 35 10.71 -18.39 -19.18
N TRP B 36 10.04 -19.35 -18.53
CA TRP B 36 8.72 -19.17 -17.95
C TRP B 36 8.62 -20.14 -16.77
N TYR B 37 7.59 -19.95 -15.94
CA TYR B 37 7.62 -20.57 -14.63
C TYR B 37 6.30 -21.25 -14.30
N LEU B 38 6.42 -22.29 -13.49
CA LEU B 38 5.30 -23.04 -12.95
C LEU B 38 5.49 -23.11 -11.45
N ILE B 39 4.48 -22.68 -10.71
CA ILE B 39 4.44 -22.87 -9.26
C ILE B 39 3.31 -23.84 -8.98
N THR B 40 3.66 -25.03 -8.50
CA THR B 40 2.66 -25.99 -8.06
C THR B 40 2.38 -25.69 -6.60
N HIS B 41 1.12 -25.49 -6.27
CA HIS B 41 0.69 -25.01 -4.97
C HIS B 41 -0.51 -25.85 -4.58
N PRO B 42 -0.66 -26.19 -3.30
CA PRO B 42 -1.83 -26.98 -2.89
C PRO B 42 -3.14 -26.39 -3.36
N LYS B 43 -3.23 -25.06 -3.46
CA LYS B 43 -4.49 -24.39 -3.76
C LYS B 43 -4.68 -24.11 -5.24
N GLY B 44 -3.83 -24.63 -6.10
CA GLY B 44 -3.96 -24.44 -7.54
C GLY B 44 -2.61 -24.22 -8.20
N ASN B 45 -2.53 -24.57 -9.47
CA ASN B 45 -1.31 -24.37 -10.23
C ASN B 45 -1.27 -22.98 -10.84
N VAL B 46 -0.06 -22.48 -11.05
CA VAL B 46 0.17 -21.11 -11.49
C VAL B 46 1.20 -21.15 -12.60
N VAL B 47 0.86 -20.61 -13.75
CA VAL B 47 1.80 -20.39 -14.84
C VAL B 47 2.16 -18.91 -14.87
N ILE B 48 3.44 -18.62 -15.02
CA ILE B 48 3.89 -17.24 -15.19
C ILE B 48 4.28 -17.08 -16.65
N ASP B 49 3.52 -16.22 -17.36
CA ASP B 49 3.82 -15.77 -18.72
C ASP B 49 3.69 -16.87 -19.76
N GLY B 50 4.47 -17.95 -19.61
CA GLY B 50 4.38 -19.07 -20.52
C GLY B 50 5.20 -18.96 -21.79
N GLY B 51 6.14 -18.00 -21.86
CA GLY B 51 7.07 -17.93 -22.98
C GLY B 51 6.45 -17.49 -24.30
N CYS B 52 7.11 -17.89 -25.39
CA CYS B 52 6.61 -17.58 -26.72
C CYS B 52 5.46 -18.52 -27.10
N ALA B 53 4.54 -18.00 -27.89
CA ALA B 53 3.42 -18.79 -28.38
C ALA B 53 3.91 -20.06 -29.09
N VAL B 54 3.24 -21.18 -28.81
CA VAL B 54 3.63 -22.45 -29.42
C VAL B 54 3.58 -22.35 -30.95
N GLU B 55 2.69 -21.51 -31.48
CA GLU B 55 2.64 -21.22 -32.91
C GLU B 55 4.00 -20.81 -33.48
N CYS B 56 4.86 -20.22 -32.65
CA CYS B 56 6.18 -19.78 -33.11
C CYS B 56 7.08 -20.95 -33.48
N ALA B 57 6.77 -22.16 -33.01
CA ALA B 57 7.59 -23.31 -33.38
C ALA B 57 7.51 -23.58 -34.87
N SER B 58 6.31 -23.50 -35.44
CA SER B 58 6.10 -23.86 -36.83
C SER B 58 6.11 -22.67 -37.78
N ASP B 59 5.68 -21.47 -37.32
CA ASP B 59 5.62 -20.34 -38.25
C ASP B 59 5.76 -18.99 -37.54
N PRO B 60 6.99 -18.58 -37.17
CA PRO B 60 7.15 -17.24 -36.56
C PRO B 60 6.66 -16.09 -37.45
N LYS B 61 7.10 -16.02 -38.71
CA LYS B 61 6.70 -14.90 -39.57
C LYS B 61 5.19 -14.78 -39.69
N GLY B 62 4.50 -15.91 -39.76
CA GLY B 62 3.06 -15.86 -39.84
C GLY B 62 2.43 -15.31 -38.58
N TYR B 63 2.90 -15.75 -37.41
CA TYR B 63 2.21 -15.43 -36.17
C TYR B 63 2.68 -14.11 -35.57
N TRP B 64 3.99 -13.88 -35.53
CA TRP B 64 4.56 -12.65 -34.96
C TRP B 64 4.62 -11.52 -35.98
N GLY B 65 4.78 -11.85 -37.27
CA GLY B 65 4.87 -10.79 -38.27
C GLY B 65 6.26 -10.17 -38.36
N ASP B 66 6.28 -8.89 -38.71
CA ASP B 66 7.53 -8.24 -39.06
C ASP B 66 8.50 -8.12 -37.89
N ILE B 67 8.04 -8.32 -36.65
CA ILE B 67 8.94 -8.21 -35.50
C ILE B 67 10.00 -9.31 -35.52
N THR B 68 9.76 -10.41 -36.26
CA THR B 68 10.76 -11.45 -36.43
C THR B 68 12.02 -10.93 -37.11
N SER B 69 11.97 -9.73 -37.70
CA SER B 69 13.18 -9.05 -38.15
C SER B 69 14.14 -8.76 -37.00
N VAL B 70 13.61 -8.63 -35.79
CA VAL B 70 14.38 -8.25 -34.63
C VAL B 70 14.60 -9.44 -33.71
N TYR B 71 13.54 -10.16 -33.37
CA TYR B 71 13.63 -11.32 -32.49
C TYR B 71 13.18 -12.55 -33.26
N TRP B 72 14.12 -13.44 -33.59
CA TRP B 72 13.76 -14.68 -34.24
C TRP B 72 13.66 -15.77 -33.18
N PRO B 73 12.49 -16.35 -32.94
CA PRO B 73 12.37 -17.38 -31.91
C PRO B 73 12.80 -18.74 -32.45
N VAL B 74 13.59 -19.47 -31.66
CA VAL B 74 14.00 -20.83 -32.00
C VAL B 74 13.43 -21.75 -30.92
N MET B 75 12.36 -22.46 -31.26
CA MET B 75 11.75 -23.37 -30.29
C MET B 75 11.09 -24.53 -31.03
N ARG B 76 10.89 -25.61 -30.31
CA ARG B 76 10.21 -26.78 -30.81
C ARG B 76 8.77 -26.78 -30.33
N GLU B 77 7.91 -27.44 -31.13
CA GLU B 77 6.49 -27.58 -30.79
C GLU B 77 6.29 -28.04 -29.36
N GLU B 78 7.08 -29.02 -28.92
CA GLU B 78 6.88 -29.62 -27.60
C GLU B 78 7.25 -28.68 -26.47
N GLU B 79 7.90 -27.56 -26.76
CA GLU B 79 8.22 -26.60 -25.71
C GLU B 79 7.07 -25.65 -25.40
N GLY B 80 6.03 -25.59 -26.25
CA GLY B 80 4.86 -24.79 -25.99
C GLY B 80 4.31 -25.08 -24.62
N CYS B 81 3.92 -24.04 -23.87
CA CYS B 81 3.67 -24.25 -22.45
C CYS B 81 2.56 -25.28 -22.23
N VAL B 82 1.53 -25.32 -23.09
CA VAL B 82 0.47 -26.30 -22.90
C VAL B 82 1.03 -27.71 -23.04
N GLN B 83 1.73 -27.97 -24.14
CA GLN B 83 2.36 -29.28 -24.35
C GLN B 83 3.29 -29.65 -23.20
N ALA B 84 4.17 -28.73 -22.82
CA ALA B 84 5.13 -29.00 -21.74
C ALA B 84 4.42 -29.36 -20.45
N LEU B 85 3.31 -28.69 -20.14
CA LEU B 85 2.59 -29.02 -18.93
C LEU B 85 1.92 -30.40 -19.02
N LYS B 86 1.40 -30.76 -20.20
CA LYS B 86 0.75 -32.06 -20.35
C LYS B 86 1.75 -33.19 -20.08
N ALA B 87 2.86 -33.21 -20.82
CA ALA B 87 3.91 -34.19 -20.57
C ALA B 87 4.40 -34.14 -19.12
N PHE B 88 4.32 -32.97 -18.48
CA PHE B 88 4.68 -32.90 -17.08
C PHE B 88 3.62 -33.50 -16.17
N GLY B 89 2.37 -33.59 -16.63
CA GLY B 89 1.32 -34.17 -15.82
C GLY B 89 0.20 -33.23 -15.45
N ILE B 90 0.15 -32.06 -16.09
CA ILE B 90 -0.86 -31.04 -15.79
C ILE B 90 -1.62 -30.74 -17.06
N GLU B 91 -2.91 -30.99 -17.03
CA GLU B 91 -3.77 -30.71 -18.17
C GLU B 91 -4.22 -29.25 -18.15
N PRO B 92 -4.51 -28.65 -19.32
CA PRO B 92 -4.85 -27.22 -19.38
C PRO B 92 -5.84 -26.77 -18.32
N ALA B 93 -6.86 -27.60 -18.07
CA ALA B 93 -7.90 -27.20 -17.12
C ALA B 93 -7.40 -27.11 -15.69
N ASP B 94 -6.23 -27.68 -15.39
CA ASP B 94 -5.74 -27.76 -14.02
C ASP B 94 -4.88 -26.56 -13.62
N VAL B 95 -5.03 -25.42 -14.27
CA VAL B 95 -4.27 -24.21 -13.93
C VAL B 95 -5.25 -23.16 -13.39
N ARG B 96 -5.01 -22.71 -12.16
CA ARG B 96 -5.92 -21.75 -11.54
C ARG B 96 -5.56 -20.30 -11.93
N TYR B 97 -4.29 -19.96 -12.01
CA TYR B 97 -3.91 -18.59 -12.31
C TYR B 97 -2.84 -18.58 -13.38
N VAL B 98 -2.93 -17.59 -14.28
CA VAL B 98 -1.82 -17.18 -15.13
C VAL B 98 -1.39 -15.79 -14.69
N LEU B 99 -0.14 -15.65 -14.27
CA LEU B 99 0.41 -14.34 -13.96
C LEU B 99 1.20 -13.82 -15.15
N HIS B 100 1.11 -12.52 -15.40
CA HIS B 100 1.87 -11.89 -16.48
C HIS B 100 2.76 -10.81 -15.91
N SER B 101 4.07 -10.98 -16.10
CA SER B 101 5.01 -9.89 -15.81
C SER B 101 4.68 -8.68 -16.68
N HIS B 102 4.47 -8.91 -17.98
CA HIS B 102 4.00 -7.92 -18.93
C HIS B 102 3.45 -8.68 -20.13
N LEU B 103 3.10 -7.96 -21.19
CA LEU B 103 2.42 -8.60 -22.29
C LEU B 103 3.22 -8.57 -23.59
N HIS B 104 4.56 -8.51 -23.49
CA HIS B 104 5.42 -8.65 -24.66
C HIS B 104 5.35 -10.06 -25.26
N LEU B 105 5.87 -10.19 -26.49
CA LEU B 105 5.60 -11.36 -27.34
C LEU B 105 6.10 -12.65 -26.72
N ASP B 106 7.23 -12.61 -26.04
CA ASP B 106 7.79 -13.81 -25.43
C ASP B 106 7.29 -14.06 -24.02
N HIS B 107 6.21 -13.38 -23.59
CA HIS B 107 5.60 -13.62 -22.29
C HIS B 107 4.09 -13.80 -22.37
N THR B 108 3.52 -13.97 -23.56
CA THR B 108 2.08 -14.16 -23.73
C THR B 108 1.73 -15.51 -24.34
N GLY B 109 2.64 -16.49 -24.23
CA GLY B 109 2.34 -17.82 -24.73
C GLY B 109 1.26 -18.55 -23.94
N ALA B 110 1.08 -18.20 -22.67
CA ALA B 110 0.05 -18.85 -21.85
C ALA B 110 -1.33 -18.24 -22.01
N THR B 111 -1.45 -17.04 -22.57
CA THR B 111 -2.67 -16.25 -22.43
C THR B 111 -3.82 -16.90 -23.19
N GLY B 112 -4.91 -17.21 -22.48
CA GLY B 112 -6.04 -17.87 -23.08
C GLY B 112 -5.87 -19.36 -23.33
N ARG B 113 -4.70 -19.92 -23.05
CA ARG B 113 -4.50 -21.34 -23.30
C ARG B 113 -4.89 -22.20 -22.10
N PHE B 114 -5.40 -21.61 -21.02
CA PHE B 114 -5.79 -22.38 -19.84
C PHE B 114 -7.23 -22.02 -19.49
N PRO B 115 -8.17 -22.93 -19.67
CA PRO B 115 -9.58 -22.53 -19.80
C PRO B 115 -10.17 -21.93 -18.55
N ASN B 116 -9.71 -22.31 -17.36
CA ASN B 116 -10.28 -21.79 -16.13
C ASN B 116 -9.36 -20.79 -15.43
N ALA B 117 -8.24 -20.42 -16.04
CA ALA B 117 -7.26 -19.61 -15.35
C ALA B 117 -7.70 -18.14 -15.33
N ILE B 118 -7.57 -17.52 -14.17
CA ILE B 118 -7.66 -16.07 -14.08
C ILE B 118 -6.30 -15.50 -14.41
N HIS B 119 -6.26 -14.50 -15.29
CA HIS B 119 -5.01 -13.89 -15.73
C HIS B 119 -4.79 -12.59 -14.96
N ILE B 120 -3.72 -12.53 -14.17
CA ILE B 120 -3.42 -11.37 -13.34
C ILE B 120 -2.28 -10.59 -13.99
N VAL B 121 -2.54 -9.32 -14.29
CA VAL B 121 -1.56 -8.39 -14.86
C VAL B 121 -1.92 -6.98 -14.38
N ARG B 122 -0.95 -6.07 -14.40
CA ARG B 122 -1.25 -4.68 -14.09
C ARG B 122 -2.20 -4.10 -15.14
N ARG B 123 -3.23 -3.39 -14.67
CA ARG B 123 -4.13 -2.71 -15.60
C ARG B 123 -3.37 -1.88 -16.64
N CYS B 124 -2.36 -1.14 -16.24
CA CYS B 124 -1.76 -0.27 -17.23
C CYS B 124 -0.95 -1.03 -18.29
N GLU B 125 -0.47 -2.22 -17.96
CA GLU B 125 0.11 -3.03 -19.01
C GLU B 125 -0.97 -3.46 -20.00
N TYR B 126 -2.10 -3.93 -19.48
CA TYR B 126 -3.19 -4.33 -20.36
C TYR B 126 -3.64 -3.17 -21.25
N GLU B 127 -3.81 -1.98 -20.66
CA GLU B 127 -4.23 -0.83 -21.46
C GLU B 127 -3.17 -0.42 -22.48
N TYR B 128 -1.90 -0.48 -22.09
CA TYR B 128 -0.85 -0.14 -23.05
C TYR B 128 -0.77 -1.16 -24.18
N ALA B 129 -0.92 -2.45 -23.85
CA ALA B 129 -0.85 -3.51 -24.86
C ALA B 129 -1.90 -3.31 -25.94
N MET B 130 -3.09 -2.84 -25.53
CA MET B 130 -4.18 -2.55 -26.47
C MET B 130 -3.95 -1.27 -27.29
N ALA B 131 -3.15 -0.32 -26.79
CA ALA B 131 -2.95 0.95 -27.49
C ALA B 131 -1.47 1.36 -27.43
N PRO B 132 -0.58 0.55 -28.00
CA PRO B 132 0.85 0.85 -27.92
C PRO B 132 1.24 2.03 -28.81
N ASP B 133 2.45 2.53 -28.59
CA ASP B 133 3.06 3.47 -29.51
C ASP B 133 3.74 2.69 -30.66
N TRP B 134 4.15 3.42 -31.71
CA TRP B 134 4.70 2.76 -32.89
C TRP B 134 5.95 1.94 -32.57
N PHE B 135 6.78 2.40 -31.64
CA PHE B 135 8.05 1.69 -31.41
C PHE B 135 7.86 0.37 -30.68
N SER B 136 6.73 0.19 -30.00
CA SER B 136 6.48 -1.01 -29.21
C SER B 136 5.32 -1.86 -29.72
N ALA B 137 4.61 -1.43 -30.76
CA ALA B 137 3.45 -2.19 -31.23
C ALA B 137 3.87 -3.60 -31.67
N GLY B 138 5.04 -3.70 -32.31
CA GLY B 138 5.50 -4.99 -32.81
C GLY B 138 5.71 -6.04 -31.73
N GLY B 139 5.99 -5.62 -30.50
CA GLY B 139 6.19 -6.55 -29.40
C GLY B 139 4.95 -6.99 -28.67
N TYR B 140 3.77 -6.53 -29.10
CA TYR B 140 2.50 -6.93 -28.51
C TYR B 140 1.73 -7.73 -29.55
N ILE B 141 1.50 -9.01 -29.27
CA ILE B 141 0.83 -9.94 -30.17
C ILE B 141 -0.62 -10.02 -29.74
N ARG B 142 -1.50 -9.35 -30.49
CA ARG B 142 -2.92 -9.35 -30.11
C ARG B 142 -3.52 -10.75 -30.16
N ALA B 143 -3.10 -11.58 -31.14
CA ALA B 143 -3.61 -12.95 -31.21
C ALA B 143 -3.47 -13.69 -29.88
N ASP B 144 -2.44 -13.36 -29.09
CA ASP B 144 -2.27 -13.98 -27.79
C ASP B 144 -3.23 -13.43 -26.74
N PHE B 145 -3.18 -12.13 -26.49
CA PHE B 145 -3.82 -11.58 -25.32
C PHE B 145 -5.16 -10.91 -25.60
N ASP B 146 -5.51 -10.68 -26.88
CA ASP B 146 -6.77 -10.03 -27.20
C ASP B 146 -7.79 -11.10 -27.57
N ARG B 147 -8.29 -11.78 -26.55
CA ARG B 147 -9.26 -12.86 -26.70
C ARG B 147 -10.41 -12.59 -25.76
N PRO B 148 -11.65 -12.49 -26.24
CA PRO B 148 -12.76 -12.05 -25.37
C PRO B 148 -13.09 -13.03 -24.25
N ASP B 149 -12.69 -14.29 -24.38
CA ASP B 149 -13.00 -15.35 -23.41
C ASP B 149 -12.10 -15.34 -22.18
N VAL B 150 -11.03 -14.53 -22.17
CA VAL B 150 -10.06 -14.57 -21.08
C VAL B 150 -10.60 -13.82 -19.87
N LYS B 151 -10.50 -14.45 -18.70
CA LYS B 151 -10.84 -13.81 -17.43
C LYS B 151 -9.62 -13.07 -16.91
N TRP B 152 -9.76 -11.76 -16.70
CA TRP B 152 -8.65 -10.94 -16.26
C TRP B 152 -8.93 -10.39 -14.86
N HIS B 153 -7.89 -10.38 -14.03
CA HIS B 153 -7.83 -9.57 -12.82
C HIS B 153 -6.77 -8.49 -13.07
N LEU B 154 -7.21 -7.26 -13.31
CA LEU B 154 -6.30 -6.18 -13.66
C LEU B 154 -5.90 -5.42 -12.39
N LEU B 155 -4.63 -5.54 -12.02
CA LEU B 155 -4.17 -4.89 -10.79
C LEU B 155 -4.05 -3.38 -10.99
N GLU B 156 -4.31 -2.65 -9.91
CA GLU B 156 -4.18 -1.20 -9.84
C GLU B 156 -2.89 -0.81 -9.11
N ASP B 157 -2.63 0.49 -9.03
CA ASP B 157 -1.40 0.99 -8.42
C ASP B 157 -1.30 0.64 -6.94
N HIS B 158 -2.42 0.55 -6.24
CA HIS B 158 -2.29 0.15 -4.84
C HIS B 158 -1.94 -1.31 -4.69
N ASP B 159 -2.03 -2.09 -5.77
CA ASP B 159 -1.86 -3.53 -5.67
C ASP B 159 -0.40 -3.96 -5.72
N ASP B 160 0.56 -3.04 -5.68
CA ASP B 160 1.95 -3.45 -5.60
C ASP B 160 2.15 -4.35 -4.38
N GLY B 161 2.82 -5.48 -4.58
CA GLY B 161 2.91 -6.48 -3.53
C GLY B 161 1.81 -7.53 -3.54
N TYR B 162 0.92 -7.50 -4.54
CA TYR B 162 -0.24 -8.39 -4.58
C TYR B 162 0.13 -9.84 -4.27
N ASP B 163 -0.50 -10.39 -3.23
CA ASP B 163 -0.23 -11.74 -2.75
C ASP B 163 -1.25 -12.68 -3.38
N VAL B 164 -0.80 -13.59 -4.25
CA VAL B 164 -1.74 -14.35 -5.05
C VAL B 164 -2.64 -15.23 -4.17
N PHE B 165 -2.04 -16.01 -3.28
CA PHE B 165 -2.81 -16.91 -2.43
C PHE B 165 -3.06 -16.34 -1.04
N GLY B 166 -2.50 -15.19 -0.72
CA GLY B 166 -2.61 -14.66 0.63
C GLY B 166 -1.71 -15.34 1.64
N ASP B 167 -0.63 -16.00 1.19
CA ASP B 167 0.21 -16.78 2.08
C ASP B 167 1.70 -16.52 1.88
N ASP B 168 2.07 -15.39 1.28
CA ASP B 168 3.45 -14.99 1.01
C ASP B 168 4.18 -15.88 0.01
N THR B 169 3.48 -16.81 -0.64
CA THR B 169 4.15 -17.69 -1.60
C THR B 169 4.52 -16.94 -2.88
N ILE B 170 3.62 -16.11 -3.41
CA ILE B 170 3.84 -15.40 -4.67
C ILE B 170 3.36 -13.96 -4.53
N ARG B 171 4.26 -12.99 -4.69
CA ARG B 171 3.88 -11.58 -4.70
C ARG B 171 4.33 -10.90 -5.98
N PHE B 172 3.45 -10.08 -6.54
CA PHE B 172 3.84 -9.14 -7.60
C PHE B 172 4.71 -8.05 -7.01
N ILE B 173 5.86 -7.78 -7.65
CA ILE B 173 6.71 -6.64 -7.30
C ILE B 173 6.74 -5.72 -8.52
N PHE B 174 6.00 -4.60 -8.44
CA PHE B 174 5.89 -3.71 -9.59
C PHE B 174 7.27 -3.17 -9.96
N THR B 175 7.63 -3.31 -11.24
CA THR B 175 8.92 -2.83 -11.75
C THR B 175 8.69 -2.15 -13.08
N PRO B 176 8.07 -0.97 -13.08
CA PRO B 176 7.87 -0.25 -14.34
C PRO B 176 9.21 0.11 -14.97
N GLY B 177 9.18 0.29 -16.28
CA GLY B 177 10.38 0.74 -16.98
C GLY B 177 10.61 0.03 -18.31
N HIS B 178 10.91 -1.26 -18.25
CA HIS B 178 11.00 -2.05 -19.47
C HIS B 178 9.69 -2.00 -20.26
N ALA B 179 8.56 -2.09 -19.57
CA ALA B 179 7.23 -1.90 -20.13
C ALA B 179 6.42 -1.16 -19.11
N PRO B 180 5.38 -0.42 -19.51
CA PRO B 180 4.64 0.41 -18.54
C PRO B 180 4.15 -0.34 -17.32
N GLY B 181 3.48 -1.48 -17.50
CA GLY B 181 2.95 -2.21 -16.38
C GLY B 181 3.80 -3.42 -15.99
N HIS B 182 5.09 -3.39 -16.27
CA HIS B 182 5.91 -4.56 -16.01
C HIS B 182 5.97 -4.90 -14.53
N SER B 183 5.90 -6.18 -14.22
CA SER B 183 5.95 -6.57 -12.82
C SER B 183 6.92 -7.72 -12.66
N SER B 184 7.65 -7.70 -11.55
CA SER B 184 8.49 -8.80 -11.12
C SER B 184 7.74 -9.64 -10.08
N PHE B 185 8.37 -10.73 -9.64
CA PHE B 185 7.74 -11.68 -8.71
C PHE B 185 8.75 -12.07 -7.64
N LEU B 186 8.29 -12.05 -6.39
CA LEU B 186 9.03 -12.55 -5.24
C LEU B 186 8.32 -13.80 -4.74
N LEU B 187 9.02 -14.94 -4.76
CA LEU B 187 8.49 -16.20 -4.28
C LEU B 187 9.14 -16.56 -2.95
N ARG B 188 8.38 -17.23 -2.09
CA ARG B 188 8.93 -17.85 -0.89
C ARG B 188 8.57 -19.33 -0.94
N LEU B 189 9.60 -20.18 -1.03
CA LEU B 189 9.45 -21.62 -1.05
C LEU B 189 9.95 -22.22 0.25
N PRO B 190 9.29 -23.28 0.75
CA PRO B 190 9.68 -23.84 2.06
C PRO B 190 11.16 -24.12 2.26
N GLU B 191 11.82 -24.85 1.36
CA GLU B 191 13.22 -25.15 1.57
C GLU B 191 14.15 -24.09 0.98
N THR B 192 13.86 -23.62 -0.23
CA THR B 192 14.72 -22.64 -0.89
C THR B 192 14.69 -21.28 -0.20
N GLY B 193 13.56 -20.89 0.36
CA GLY B 193 13.37 -19.54 0.85
C GLY B 193 13.01 -18.56 -0.26
N PRO B 194 13.44 -17.31 -0.12
CA PRO B 194 13.05 -16.27 -1.08
C PRO B 194 13.74 -16.43 -2.42
N VAL B 195 12.96 -16.28 -3.48
CA VAL B 195 13.44 -16.33 -4.86
C VAL B 195 12.86 -15.14 -5.60
N LEU B 196 13.72 -14.31 -6.18
CA LEU B 196 13.29 -13.07 -6.82
C LEU B 196 13.40 -13.23 -8.35
N LEU B 197 12.26 -13.31 -9.00
CA LEU B 197 12.20 -13.38 -10.46
C LEU B 197 12.09 -11.96 -10.99
N ALA B 198 13.23 -11.42 -11.42
CA ALA B 198 13.25 -10.04 -11.91
C ALA B 198 12.51 -9.92 -13.24
N VAL B 199 12.47 -11.01 -14.02
CA VAL B 199 11.99 -11.03 -15.41
C VAL B 199 12.68 -9.91 -16.17
N ASP B 200 11.95 -9.12 -16.93
CA ASP B 200 12.63 -8.16 -17.79
C ASP B 200 12.94 -6.84 -17.10
N ALA B 201 12.71 -6.70 -15.80
CA ALA B 201 13.25 -5.55 -15.11
C ALA B 201 14.77 -5.55 -15.13
N ALA B 202 15.39 -6.73 -15.27
CA ALA B 202 16.83 -6.86 -15.40
C ALA B 202 17.09 -8.05 -16.32
N TYR B 203 17.31 -7.74 -17.60
CA TYR B 203 17.55 -8.78 -18.60
C TYR B 203 18.70 -9.69 -18.20
N THR B 204 19.83 -9.10 -17.85
CA THR B 204 21.07 -9.84 -17.66
C THR B 204 21.74 -9.36 -16.38
N THR B 205 22.77 -10.10 -15.98
CA THR B 205 23.58 -9.74 -14.84
C THR B 205 24.19 -8.35 -14.98
N ASP B 206 24.48 -7.94 -16.22
CA ASP B 206 25.02 -6.60 -16.44
C ASP B 206 23.99 -5.51 -16.14
N HIS B 207 22.72 -5.74 -16.49
CA HIS B 207 21.67 -4.79 -16.12
C HIS B 207 21.55 -4.68 -14.61
N TRP B 208 21.52 -5.83 -13.93
CA TRP B 208 21.46 -5.86 -12.48
C TRP B 208 22.61 -5.06 -11.87
N ASP B 209 23.80 -5.18 -12.44
CA ASP B 209 24.97 -4.47 -11.91
C ASP B 209 25.09 -3.04 -12.42
N GLU B 210 24.10 -2.55 -13.18
CA GLU B 210 24.11 -1.18 -13.70
C GLU B 210 25.27 -0.96 -14.67
N LYS B 211 25.57 -2.00 -15.45
CA LYS B 211 26.56 -1.91 -16.53
C LYS B 211 25.92 -1.82 -17.90
N ALA B 212 24.59 -2.00 -17.98
CA ALA B 212 23.84 -1.89 -19.22
C ALA B 212 22.46 -1.35 -18.92
N LEU B 213 21.81 -0.83 -19.95
CA LEU B 213 20.41 -0.43 -19.90
C LEU B 213 19.62 -1.36 -20.81
N PRO B 214 18.33 -1.53 -20.56
CA PRO B 214 17.53 -2.37 -21.46
C PRO B 214 17.60 -1.79 -22.88
N GLY B 215 17.88 -2.67 -23.84
CA GLY B 215 17.89 -2.27 -25.25
C GLY B 215 16.52 -2.00 -25.82
N PHE B 216 15.47 -2.25 -25.05
CA PHE B 216 14.09 -1.95 -25.42
C PHE B 216 13.36 -1.58 -24.14
N LEU B 217 12.77 -0.38 -24.10
CA LEU B 217 12.18 0.08 -22.85
C LEU B 217 11.17 1.19 -23.11
N ALA B 218 10.21 1.30 -22.20
CA ALA B 218 9.29 2.43 -22.18
C ALA B 218 9.87 3.65 -21.47
N SER B 219 10.53 3.44 -20.31
CA SER B 219 11.12 4.52 -19.54
C SER B 219 12.44 4.08 -18.91
N THR B 220 13.53 4.80 -19.23
CA THR B 220 14.81 4.56 -18.60
C THR B 220 14.79 4.96 -17.12
N VAL B 221 14.19 6.11 -16.80
CA VAL B 221 14.09 6.56 -15.41
C VAL B 221 13.41 5.50 -14.55
N ASP B 222 12.27 5.00 -15.01
CA ASP B 222 11.58 3.94 -14.29
C ASP B 222 12.43 2.69 -14.22
N ALA B 223 13.09 2.35 -15.33
CA ALA B 223 13.79 1.08 -15.41
C ALA B 223 14.91 1.02 -14.39
N VAL B 224 15.71 2.08 -14.30
CA VAL B 224 16.84 2.02 -13.37
C VAL B 224 16.35 2.09 -11.92
N ARG B 225 15.29 2.86 -11.66
CA ARG B 225 14.74 2.89 -10.30
C ARG B 225 14.10 1.55 -9.93
N SER B 226 13.48 0.87 -10.90
CA SER B 226 12.95 -0.46 -10.64
C SER B 226 14.06 -1.45 -10.31
N VAL B 227 15.21 -1.35 -10.97
CA VAL B 227 16.32 -2.22 -10.62
C VAL B 227 16.79 -1.95 -9.20
N ARG B 228 16.92 -0.68 -8.81
CA ARG B 228 17.34 -0.42 -7.44
C ARG B 228 16.25 -0.81 -6.43
N LYS B 229 14.97 -0.75 -6.81
CA LYS B 229 13.94 -1.33 -5.96
C LYS B 229 14.19 -2.82 -5.74
N LEU B 230 14.63 -3.53 -6.79
CA LEU B 230 14.87 -4.96 -6.65
C LEU B 230 16.13 -5.23 -5.80
N HIS B 231 17.17 -4.40 -5.96
CA HIS B 231 18.36 -4.51 -5.12
C HIS B 231 17.98 -4.45 -3.64
N ALA B 232 17.20 -3.44 -3.27
CA ALA B 232 16.82 -3.31 -1.88
C ALA B 232 16.02 -4.52 -1.42
N LEU B 233 15.15 -5.04 -2.29
CA LEU B 233 14.36 -6.22 -1.94
C LEU B 233 15.23 -7.46 -1.77
N ALA B 234 16.22 -7.63 -2.66
CA ALA B 234 17.16 -8.74 -2.54
C ALA B 234 17.98 -8.63 -1.26
N GLU B 235 18.49 -7.43 -0.98
CA GLU B 235 19.28 -7.23 0.23
C GLU B 235 18.45 -7.46 1.49
N LYS B 236 17.20 -7.01 1.49
CA LYS B 236 16.36 -7.17 2.67
C LYS B 236 16.01 -8.63 2.92
N THR B 237 15.64 -9.35 1.87
CA THR B 237 15.15 -10.72 2.01
C THR B 237 16.24 -11.78 1.91
N GLY B 238 17.38 -11.46 1.30
CA GLY B 238 18.36 -12.48 0.96
C GLY B 238 17.93 -13.36 -0.19
N ALA B 239 17.02 -12.89 -1.04
CA ALA B 239 16.47 -13.71 -2.09
C ALA B 239 17.56 -14.16 -3.06
N LEU B 240 17.31 -15.31 -3.68
CA LEU B 240 18.07 -15.76 -4.84
C LEU B 240 17.58 -15.01 -6.07
N VAL B 241 18.48 -14.31 -6.76
CA VAL B 241 18.08 -13.39 -7.82
C VAL B 241 18.14 -14.13 -9.16
N VAL B 242 17.03 -14.13 -9.89
CA VAL B 242 16.96 -14.70 -11.24
C VAL B 242 16.71 -13.58 -12.25
N THR B 243 17.73 -13.19 -13.01
CA THR B 243 17.49 -12.21 -14.06
C THR B 243 16.62 -12.85 -15.15
N GLY B 244 16.13 -12.01 -16.06
CA GLY B 244 15.09 -12.47 -16.98
C GLY B 244 15.61 -13.33 -18.10
N HIS B 245 16.84 -13.08 -18.56
CA HIS B 245 17.29 -13.78 -19.76
C HIS B 245 18.78 -14.10 -19.78
N ASP B 246 19.47 -14.10 -18.64
CA ASP B 246 20.94 -14.10 -18.71
C ASP B 246 21.48 -15.39 -19.30
N PRO B 247 22.09 -15.33 -20.49
CA PRO B 247 22.59 -16.56 -21.13
C PRO B 247 23.66 -17.27 -20.33
N GLU B 248 24.47 -16.54 -19.58
CA GLU B 248 25.52 -17.16 -18.78
C GLU B 248 24.98 -17.72 -17.47
N ALA B 249 24.03 -17.04 -16.83
CA ALA B 249 23.53 -17.53 -15.55
C ALA B 249 22.48 -18.62 -15.70
N TRP B 250 21.79 -18.68 -16.84
CA TRP B 250 20.65 -19.57 -16.99
C TRP B 250 20.99 -21.04 -16.77
N PRO B 251 22.07 -21.60 -17.35
CA PRO B 251 22.37 -23.02 -17.08
C PRO B 251 22.72 -23.31 -15.63
N THR B 252 22.99 -22.30 -14.82
CA THR B 252 23.33 -22.53 -13.42
C THR B 252 22.12 -22.68 -12.52
N PHE B 253 20.90 -22.47 -13.04
CA PHE B 253 19.67 -22.73 -12.32
C PHE B 253 19.13 -24.10 -12.69
N ARG B 254 18.33 -24.67 -11.78
CA ARG B 254 17.67 -25.94 -12.07
C ARG B 254 16.52 -25.72 -13.04
N HIS B 255 16.45 -26.56 -14.08
CA HIS B 255 15.37 -26.49 -15.05
C HIS B 255 14.60 -27.81 -15.11
N ALA B 256 13.72 -27.90 -16.10
CA ALA B 256 13.38 -29.19 -16.69
C ALA B 256 12.50 -29.90 -15.66
N PRO B 257 12.64 -31.22 -15.38
CA PRO B 257 11.93 -31.75 -14.20
C PRO B 257 12.50 -31.31 -12.86
N GLU B 258 13.72 -30.77 -12.81
CA GLU B 258 14.27 -30.34 -11.53
C GLU B 258 13.56 -29.09 -11.05
N TYR B 259 13.63 -28.83 -9.74
CA TYR B 259 12.81 -27.77 -9.17
C TYR B 259 13.39 -27.24 -7.87
N TYR B 260 12.83 -26.12 -7.42
CA TYR B 260 13.16 -25.51 -6.14
C TYR B 260 12.02 -25.77 -5.16
N ALA B 261 12.35 -26.30 -3.99
CA ALA B 261 11.30 -26.50 -2.99
C ALA B 261 11.46 -25.55 -1.81
N ALA C 2 -12.51 -13.10 24.32
CA ALA C 2 -13.59 -13.62 23.47
C ALA C 2 -13.26 -13.44 21.98
N ALA C 3 -13.92 -14.21 21.13
CA ALA C 3 -13.75 -14.10 19.69
C ALA C 3 -14.70 -13.04 19.12
N PRO C 4 -14.35 -12.42 17.99
CA PRO C 4 -15.25 -11.43 17.41
C PRO C 4 -16.47 -12.08 16.78
N ARG C 5 -17.55 -11.31 16.70
CA ARG C 5 -18.78 -11.75 16.05
C ARG C 5 -19.33 -10.65 15.15
N LEU C 6 -20.03 -11.04 14.09
CA LEU C 6 -20.72 -10.11 13.21
C LEU C 6 -22.22 -10.28 13.36
N TYR C 7 -22.92 -9.19 13.65
CA TYR C 7 -24.37 -9.14 13.71
C TYR C 7 -24.91 -8.25 12.60
N MET C 8 -25.91 -8.75 11.87
CA MET C 8 -26.54 -8.00 10.80
C MET C 8 -27.87 -7.45 11.28
N PHE C 9 -27.99 -6.13 11.31
CA PHE C 9 -29.23 -5.41 11.63
C PHE C 9 -29.82 -4.79 10.37
N GLN C 10 -31.01 -4.22 10.51
CA GLN C 10 -31.54 -3.29 9.49
C GLN C 10 -32.36 -2.19 10.14
N THR C 11 -32.28 -1.00 9.53
CA THR C 11 -33.22 0.09 9.80
C THR C 11 -34.34 0.04 8.76
N GLY C 12 -35.23 -0.91 8.95
CA GLY C 12 -36.37 -1.03 8.06
C GLY C 12 -36.00 -1.14 6.59
N THR C 13 -36.82 -0.51 5.75
CA THR C 13 -36.67 -0.59 4.30
C THR C 13 -36.75 0.80 3.68
N LEU C 14 -36.36 0.86 2.40
CA LEU C 14 -36.56 1.99 1.52
C LEU C 14 -37.46 1.59 0.37
N LYS C 15 -38.43 2.44 0.04
CA LYS C 15 -39.28 2.28 -1.13
C LYS C 15 -38.79 3.24 -2.20
N CYS C 16 -38.67 2.75 -3.43
CA CYS C 16 -38.22 3.57 -4.54
C CYS C 16 -38.64 2.86 -5.82
N ARG C 17 -38.04 3.22 -6.93
CA ARG C 17 -38.30 2.51 -8.17
C ARG C 17 -37.14 1.57 -8.48
N VAL C 18 -37.42 0.55 -9.30
CA VAL C 18 -36.36 -0.37 -9.71
C VAL C 18 -35.17 0.41 -10.27
N CYS C 19 -35.44 1.37 -11.17
CA CYS C 19 -34.36 2.08 -11.86
C CYS C 19 -33.43 2.81 -10.89
N ASN C 20 -33.92 3.15 -9.69
CA ASN C 20 -33.07 3.79 -8.70
C ASN C 20 -31.94 2.87 -8.26
N ILE C 21 -32.22 1.58 -8.21
CA ILE C 21 -31.24 0.57 -7.80
C ILE C 21 -30.54 -0.04 -9.01
N LYS C 22 -31.30 -0.42 -10.03
CA LYS C 22 -30.78 -0.95 -11.28
C LYS C 22 -30.99 0.08 -12.38
N MET C 23 -29.91 0.81 -12.73
CA MET C 23 -30.02 1.94 -13.66
C MET C 23 -30.82 1.58 -14.91
N ASN C 24 -31.80 2.43 -15.24
CA ASN C 24 -32.57 2.35 -16.47
C ASN C 24 -33.44 1.10 -16.56
N ALA C 25 -33.83 0.53 -15.41
CA ALA C 25 -34.59 -0.71 -15.42
C ALA C 25 -36.09 -0.50 -15.23
N GLY C 26 -36.58 0.72 -15.39
CA GLY C 26 -38.01 0.90 -15.34
C GLY C 26 -38.50 1.49 -14.03
N LEU C 27 -39.74 1.97 -14.06
CA LEU C 27 -40.29 2.82 -13.01
C LEU C 27 -41.16 2.06 -12.00
N ASP C 28 -41.17 0.73 -12.03
CA ASP C 28 -41.99 -0.03 -11.09
C ASP C 28 -41.53 0.22 -9.65
N ASP C 29 -42.47 0.04 -8.72
CA ASP C 29 -42.15 0.16 -7.30
C ASP C 29 -41.13 -0.90 -6.90
N TYR C 30 -40.31 -0.58 -5.90
CA TYR C 30 -39.24 -1.46 -5.48
C TYR C 30 -38.95 -1.21 -4.01
N GLU C 31 -38.64 -2.29 -3.28
CA GLU C 31 -38.37 -2.14 -1.86
C GLU C 31 -37.16 -2.96 -1.45
N ILE C 32 -36.25 -2.33 -0.70
CA ILE C 32 -34.99 -2.94 -0.29
C ILE C 32 -34.81 -2.78 1.22
N PRO C 33 -34.17 -3.74 1.90
CA PRO C 33 -33.79 -3.53 3.30
C PRO C 33 -32.65 -2.53 3.40
N VAL C 34 -32.51 -1.94 4.60
CA VAL C 34 -31.35 -1.08 4.88
C VAL C 34 -30.48 -1.74 5.93
N PRO C 35 -29.52 -2.59 5.54
CA PRO C 35 -28.66 -3.24 6.53
C PRO C 35 -27.66 -2.29 7.17
N TRP C 36 -27.27 -2.61 8.40
CA TRP C 36 -26.08 -2.05 9.02
C TRP C 36 -25.48 -3.13 9.93
N TYR C 37 -24.25 -2.91 10.41
CA TYR C 37 -23.54 -4.02 11.03
C TYR C 37 -22.92 -3.64 12.36
N LEU C 38 -22.92 -4.60 13.28
CA LEU C 38 -22.21 -4.52 14.55
C LEU C 38 -21.16 -5.63 14.58
N ILE C 39 -19.92 -5.28 14.88
CA ILE C 39 -18.91 -6.29 15.16
C ILE C 39 -18.54 -6.18 16.62
N THR C 40 -18.75 -7.25 17.38
CA THR C 40 -18.28 -7.32 18.76
C THR C 40 -16.85 -7.86 18.74
N HIS C 41 -15.97 -7.21 19.48
CA HIS C 41 -14.56 -7.52 19.35
C HIS C 41 -14.01 -7.29 20.75
N PRO C 42 -13.04 -8.10 21.18
CA PRO C 42 -12.51 -7.92 22.55
C PRO C 42 -11.97 -6.53 22.82
N LYS C 43 -11.38 -5.88 21.83
CA LYS C 43 -10.81 -4.56 22.02
C LYS C 43 -11.80 -3.44 21.76
N GLY C 44 -13.04 -3.75 21.41
CA GLY C 44 -14.08 -2.75 21.36
C GLY C 44 -15.16 -3.06 20.34
N ASN C 45 -16.32 -2.45 20.54
CA ASN C 45 -17.45 -2.63 19.62
C ASN C 45 -17.35 -1.69 18.44
N VAL C 46 -17.75 -2.20 17.27
CA VAL C 46 -17.68 -1.48 16.01
C VAL C 46 -19.06 -1.46 15.38
N VAL C 47 -19.53 -0.28 15.03
CA VAL C 47 -20.75 -0.09 14.26
C VAL C 47 -20.34 0.32 12.86
N ILE C 48 -20.96 -0.30 11.85
CA ILE C 48 -20.73 0.09 10.46
C ILE C 48 -21.99 0.80 9.98
N ASP C 49 -21.86 2.10 9.70
CA ASP C 49 -22.88 2.96 9.10
C ASP C 49 -24.06 3.28 10.01
N GLY C 50 -24.77 2.25 10.48
CA GLY C 50 -25.89 2.46 11.37
C GLY C 50 -27.21 2.74 10.71
N GLY C 51 -27.34 2.51 9.40
CA GLY C 51 -28.62 2.63 8.72
C GLY C 51 -29.12 4.06 8.60
N CYS C 52 -30.43 4.16 8.34
CA CYS C 52 -31.12 5.46 8.29
C CYS C 52 -31.21 6.07 9.69
N ALA C 53 -31.08 7.41 9.75
CA ALA C 53 -31.23 8.11 11.02
C ALA C 53 -32.58 7.80 11.68
N VAL C 54 -32.53 7.61 13.01
CA VAL C 54 -33.75 7.37 13.79
C VAL C 54 -34.74 8.53 13.60
N GLU C 55 -34.22 9.75 13.40
CA GLU C 55 -35.06 10.92 13.19
C GLU C 55 -35.98 10.76 11.98
N CYS C 56 -35.56 9.97 10.98
CA CYS C 56 -36.39 9.94 9.79
C CYS C 56 -37.52 8.92 9.91
N ALA C 57 -37.45 8.02 10.88
CA ALA C 57 -38.55 7.10 11.13
C ALA C 57 -39.86 7.83 11.40
N SER C 58 -39.82 8.84 12.27
CA SER C 58 -41.02 9.53 12.73
C SER C 58 -41.41 10.75 11.88
N ASP C 59 -40.49 11.31 11.11
CA ASP C 59 -40.79 12.44 10.22
C ASP C 59 -39.83 12.40 9.05
N PRO C 60 -40.12 11.56 8.05
CA PRO C 60 -39.19 11.42 6.92
C PRO C 60 -38.96 12.73 6.16
N LYS C 61 -40.03 13.40 5.74
CA LYS C 61 -39.88 14.66 5.02
C LYS C 61 -39.16 15.70 5.86
N GLY C 62 -39.44 15.74 7.16
CA GLY C 62 -38.81 16.75 8.00
C GLY C 62 -37.31 16.59 8.12
N TYR C 63 -36.84 15.35 8.21
CA TYR C 63 -35.41 15.15 8.41
C TYR C 63 -34.63 14.99 7.11
N TRP C 64 -35.23 14.40 6.07
CA TRP C 64 -34.56 14.17 4.80
C TRP C 64 -34.92 15.17 3.71
N GLY C 65 -36.08 15.83 3.81
CA GLY C 65 -36.47 16.78 2.78
C GLY C 65 -36.84 16.12 1.46
N ASP C 66 -36.51 16.81 0.36
CA ASP C 66 -37.08 16.46 -0.93
C ASP C 66 -36.67 15.08 -1.40
N ILE C 67 -35.51 14.58 -0.99
CA ILE C 67 -35.02 13.28 -1.44
C ILE C 67 -36.02 12.17 -1.12
N THR C 68 -36.92 12.40 -0.16
CA THR C 68 -37.97 11.40 0.14
C THR C 68 -38.87 11.13 -1.04
N SER C 69 -38.91 12.01 -2.03
CA SER C 69 -39.63 11.67 -3.25
C SER C 69 -38.89 10.67 -4.10
N VAL C 70 -37.66 10.33 -3.73
CA VAL C 70 -36.92 9.24 -4.37
C VAL C 70 -36.86 8.01 -3.47
N TYR C 71 -36.48 8.20 -2.20
CA TYR C 71 -36.37 7.11 -1.24
C TYR C 71 -37.32 7.39 -0.09
N TRP C 72 -38.35 6.56 0.05
CA TRP C 72 -39.26 6.66 1.19
C TRP C 72 -38.83 5.66 2.25
N PRO C 73 -38.36 6.11 3.43
CA PRO C 73 -37.89 5.16 4.45
C PRO C 73 -39.05 4.64 5.27
N VAL C 74 -39.15 3.32 5.36
CA VAL C 74 -40.20 2.65 6.14
C VAL C 74 -39.49 2.04 7.34
N MET C 75 -39.71 2.62 8.53
CA MET C 75 -38.81 2.33 9.63
C MET C 75 -39.49 2.73 10.94
N ARG C 76 -39.40 1.85 11.94
CA ARG C 76 -39.89 2.12 13.29
C ARG C 76 -38.80 2.72 14.16
N GLU C 77 -39.21 3.57 15.11
CA GLU C 77 -38.26 4.21 16.01
C GLU C 77 -37.34 3.20 16.68
N GLU C 78 -37.88 2.04 17.09
CA GLU C 78 -37.04 1.08 17.80
C GLU C 78 -36.00 0.44 16.89
N GLU C 79 -36.06 0.67 15.58
CA GLU C 79 -35.01 0.22 14.68
C GLU C 79 -33.83 1.20 14.60
N GLY C 80 -33.95 2.40 15.16
CA GLY C 80 -32.80 3.30 15.21
C GLY C 80 -31.60 2.62 15.84
N CYS C 81 -30.37 2.91 15.39
CA CYS C 81 -29.26 2.05 15.77
C CYS C 81 -28.90 2.19 17.24
N VAL C 82 -29.10 3.36 17.85
CA VAL C 82 -28.86 3.50 19.29
C VAL C 82 -29.88 2.66 20.08
N GLN C 83 -31.15 2.75 19.70
CA GLN C 83 -32.19 2.00 20.39
C GLN C 83 -31.96 0.48 20.24
N ALA C 84 -31.70 0.02 19.02
CA ALA C 84 -31.44 -1.40 18.80
C ALA C 84 -30.27 -1.89 19.63
N LEU C 85 -29.18 -1.11 19.68
CA LEU C 85 -28.03 -1.55 20.45
C LEU C 85 -28.32 -1.59 21.95
N LYS C 86 -28.98 -0.55 22.48
CA LYS C 86 -29.38 -0.57 23.88
C LYS C 86 -30.18 -1.83 24.21
N ALA C 87 -31.19 -2.15 23.40
CA ALA C 87 -31.96 -3.36 23.61
C ALA C 87 -31.07 -4.59 23.54
N PHE C 88 -30.05 -4.56 22.69
CA PHE C 88 -29.16 -5.69 22.55
C PHE C 88 -28.16 -5.79 23.69
N GLY C 89 -28.00 -4.75 24.50
CA GLY C 89 -27.13 -4.81 25.65
C GLY C 89 -25.95 -3.86 25.61
N ILE C 90 -25.94 -2.94 24.64
CA ILE C 90 -24.80 -2.07 24.38
C ILE C 90 -25.27 -0.63 24.47
N GLU C 91 -24.79 0.07 25.47
CA GLU C 91 -25.01 1.49 25.68
C GLU C 91 -24.14 2.28 24.71
N PRO C 92 -24.60 3.48 24.30
CA PRO C 92 -23.89 4.22 23.24
C PRO C 92 -22.43 4.50 23.58
N ALA C 93 -22.09 4.56 24.87
CA ALA C 93 -20.72 4.84 25.29
C ALA C 93 -19.79 3.66 25.07
N ASP C 94 -20.30 2.47 24.77
CA ASP C 94 -19.49 1.26 24.61
C ASP C 94 -19.19 0.93 23.16
N VAL C 95 -19.11 1.93 22.29
CA VAL C 95 -18.79 1.72 20.88
C VAL C 95 -17.49 2.47 20.58
N ARG C 96 -16.43 1.73 20.22
CA ARG C 96 -15.11 2.32 20.04
C ARG C 96 -14.96 2.96 18.67
N TYR C 97 -15.43 2.29 17.61
CA TYR C 97 -15.30 2.76 16.25
C TYR C 97 -16.66 2.78 15.57
N VAL C 98 -16.88 3.80 14.74
CA VAL C 98 -17.92 3.80 13.72
C VAL C 98 -17.22 3.84 12.37
N LEU C 99 -17.43 2.81 11.56
CA LEU C 99 -16.88 2.78 10.20
C LEU C 99 -17.97 3.23 9.25
N HIS C 100 -17.60 4.00 8.25
CA HIS C 100 -18.56 4.41 7.24
C HIS C 100 -18.12 3.88 5.89
N SER C 101 -18.98 3.06 5.28
CA SER C 101 -18.79 2.71 3.88
C SER C 101 -18.75 3.97 3.04
N HIS C 102 -19.64 4.90 3.34
CA HIS C 102 -19.75 6.20 2.68
C HIS C 102 -20.77 6.98 3.49
N LEU C 103 -21.07 8.19 3.04
CA LEU C 103 -21.85 9.10 3.87
C LEU C 103 -23.25 9.39 3.30
N HIS C 104 -23.78 8.52 2.46
CA HIS C 104 -25.16 8.66 1.98
C HIS C 104 -26.16 8.51 3.15
N LEU C 105 -27.39 8.94 2.87
CA LEU C 105 -28.44 9.13 3.88
C LEU C 105 -28.80 7.84 4.62
N ASP C 106 -28.72 6.69 3.97
CA ASP C 106 -29.03 5.44 4.63
C ASP C 106 -27.79 4.77 5.23
N HIS C 107 -26.68 5.51 5.35
CA HIS C 107 -25.48 4.99 6.00
C HIS C 107 -24.91 5.94 7.04
N THR C 108 -25.67 6.93 7.49
CA THR C 108 -25.16 7.88 8.49
C THR C 108 -26.03 7.94 9.75
N GLY C 109 -26.87 6.93 9.99
CA GLY C 109 -27.62 6.91 11.23
C GLY C 109 -26.75 6.82 12.47
N ALA C 110 -25.53 6.27 12.34
CA ALA C 110 -24.67 6.13 13.50
C ALA C 110 -23.84 7.37 13.82
N THR C 111 -23.66 8.29 12.85
CA THR C 111 -22.65 9.33 12.98
C THR C 111 -22.94 10.25 14.17
N GLY C 112 -21.98 10.36 15.07
CA GLY C 112 -22.10 11.20 16.25
C GLY C 112 -23.11 10.75 17.28
N ARG C 113 -23.70 9.56 17.11
CA ARG C 113 -24.59 9.06 18.14
C ARG C 113 -23.84 8.30 19.22
N PHE C 114 -22.57 8.00 19.00
CA PHE C 114 -21.76 7.26 19.95
C PHE C 114 -20.65 8.17 20.46
N PRO C 115 -20.77 8.65 21.70
CA PRO C 115 -19.97 9.81 22.13
C PRO C 115 -18.48 9.57 22.12
N ASN C 116 -18.02 8.35 22.32
CA ASN C 116 -16.59 8.06 22.41
C ASN C 116 -16.03 7.47 21.15
N ALA C 117 -16.81 7.37 20.09
CA ALA C 117 -16.39 6.57 18.95
C ALA C 117 -15.55 7.41 18.00
N ILE C 118 -14.51 6.79 17.48
CA ILE C 118 -13.78 7.35 16.37
C ILE C 118 -14.47 6.90 15.09
N HIS C 119 -14.77 7.86 14.22
CA HIS C 119 -15.44 7.58 12.95
C HIS C 119 -14.41 7.48 11.84
N ILE C 120 -14.36 6.34 11.16
CA ILE C 120 -13.36 6.08 10.14
C ILE C 120 -14.06 6.04 8.78
N VAL C 121 -13.60 6.92 7.87
CA VAL C 121 -14.15 7.03 6.52
C VAL C 121 -13.03 7.59 5.65
N ARG C 122 -13.12 7.34 4.34
CA ARG C 122 -12.17 7.95 3.42
C ARG C 122 -12.30 9.47 3.46
N ARG C 123 -11.14 10.16 3.43
CA ARG C 123 -11.14 11.62 3.39
C ARG C 123 -11.93 12.15 2.22
N CYS C 124 -11.80 11.52 1.04
CA CYS C 124 -12.48 12.08 -0.11
C CYS C 124 -13.98 11.88 -0.05
N GLU C 125 -14.49 10.90 0.71
CA GLU C 125 -15.93 10.86 0.91
C GLU C 125 -16.38 11.98 1.82
N TYR C 126 -15.64 12.21 2.92
CA TYR C 126 -15.98 13.31 3.82
C TYR C 126 -15.96 14.64 3.08
N GLU C 127 -14.93 14.87 2.27
CA GLU C 127 -14.84 16.15 1.54
C GLU C 127 -15.94 16.26 0.49
N TYR C 128 -16.26 15.16 -0.19
CA TYR C 128 -17.35 15.23 -1.17
C TYR C 128 -18.68 15.50 -0.48
N ALA C 129 -18.91 14.84 0.66
CA ALA C 129 -20.16 15.03 1.41
C ALA C 129 -20.35 16.48 1.82
N MET C 130 -19.26 17.19 2.11
CA MET C 130 -19.32 18.59 2.47
C MET C 130 -19.53 19.50 1.26
N ALA C 131 -19.11 19.10 0.06
CA ALA C 131 -19.25 19.93 -1.12
C ALA C 131 -19.69 19.07 -2.31
N PRO C 132 -20.90 18.52 -2.25
CA PRO C 132 -21.36 17.61 -3.30
C PRO C 132 -21.88 18.37 -4.52
N ASP C 133 -22.10 17.63 -5.61
CA ASP C 133 -22.71 18.15 -6.84
C ASP C 133 -24.22 18.12 -6.70
N TRP C 134 -24.93 18.82 -7.59
CA TRP C 134 -26.39 18.94 -7.43
C TRP C 134 -27.08 17.57 -7.51
N PHE C 135 -26.61 16.67 -8.37
CA PHE C 135 -27.29 15.39 -8.49
C PHE C 135 -27.14 14.54 -7.23
N SER C 136 -26.09 14.77 -6.44
CA SER C 136 -25.90 13.96 -5.23
C SER C 136 -26.23 14.67 -3.93
N ALA C 137 -26.49 15.99 -3.96
CA ALA C 137 -26.57 16.75 -2.71
C ALA C 137 -27.67 16.22 -1.79
N GLY C 138 -28.81 15.84 -2.37
CA GLY C 138 -29.92 15.35 -1.56
C GLY C 138 -29.64 14.06 -0.83
N GLY C 139 -28.61 13.32 -1.27
CA GLY C 139 -28.26 12.07 -0.63
C GLY C 139 -27.38 12.20 0.58
N TYR C 140 -26.90 13.42 0.88
CA TYR C 140 -26.03 13.70 2.02
C TYR C 140 -26.80 14.53 3.03
N ILE C 141 -27.04 13.95 4.21
CA ILE C 141 -27.82 14.58 5.27
C ILE C 141 -26.84 15.23 6.22
N ARG C 142 -26.67 16.55 6.10
CA ARG C 142 -25.67 17.20 6.93
C ARG C 142 -25.99 17.12 8.41
N ALA C 143 -27.28 17.09 8.77
CA ALA C 143 -27.62 16.93 10.18
C ALA C 143 -27.03 15.65 10.75
N ASP C 144 -26.76 14.65 9.91
CA ASP C 144 -26.14 13.43 10.42
C ASP C 144 -24.64 13.61 10.64
N PHE C 145 -23.90 14.02 9.61
CA PHE C 145 -22.44 13.90 9.65
C PHE C 145 -21.71 15.21 9.89
N ASP C 146 -22.40 16.35 9.81
CA ASP C 146 -21.75 17.65 9.98
C ASP C 146 -21.94 18.13 11.42
N ARG C 147 -21.26 17.41 12.32
CA ARG C 147 -21.31 17.68 13.75
C ARG C 147 -19.90 17.93 14.24
N PRO C 148 -19.61 19.08 14.86
CA PRO C 148 -18.21 19.38 15.23
C PRO C 148 -17.67 18.49 16.36
N ASP C 149 -18.55 17.99 17.23
CA ASP C 149 -18.18 17.10 18.33
C ASP C 149 -17.66 15.74 17.87
N VAL C 150 -17.68 15.43 16.58
CA VAL C 150 -17.38 14.08 16.11
C VAL C 150 -15.88 13.92 15.91
N LYS C 151 -15.33 12.81 16.41
CA LYS C 151 -13.94 12.47 16.16
C LYS C 151 -13.83 11.63 14.89
N TRP C 152 -13.15 12.16 13.87
CA TRP C 152 -12.94 11.47 12.60
C TRP C 152 -11.50 11.01 12.45
N HIS C 153 -11.32 9.82 11.89
CA HIS C 153 -10.05 9.39 11.31
C HIS C 153 -10.31 9.30 9.81
N LEU C 154 -9.80 10.26 9.05
CA LEU C 154 -10.00 10.31 7.61
C LEU C 154 -8.87 9.56 6.90
N LEU C 155 -9.21 8.47 6.21
CA LEU C 155 -8.23 7.66 5.50
C LEU C 155 -7.82 8.30 4.18
N GLU C 156 -6.53 8.22 3.87
CA GLU C 156 -5.95 8.72 2.64
C GLU C 156 -5.98 7.64 1.55
N ASP C 157 -5.67 8.06 0.31
CA ASP C 157 -5.75 7.16 -0.84
C ASP C 157 -4.90 5.92 -0.65
N HIS C 158 -3.75 6.03 -0.01
CA HIS C 158 -2.88 4.88 0.20
C HIS C 158 -3.25 4.07 1.44
N ASP C 159 -4.41 4.33 2.04
CA ASP C 159 -4.89 3.57 3.18
C ASP C 159 -5.81 2.42 2.80
N ASP C 160 -5.83 2.03 1.54
CA ASP C 160 -6.65 0.88 1.16
C ASP C 160 -6.20 -0.34 1.96
N GLY C 161 -7.16 -1.16 2.40
CA GLY C 161 -6.82 -2.31 3.22
C GLY C 161 -6.68 -2.01 4.69
N TYR C 162 -7.06 -0.80 5.12
CA TYR C 162 -6.85 -0.35 6.48
C TYR C 162 -7.45 -1.32 7.48
N ASP C 163 -6.60 -1.79 8.39
CA ASP C 163 -6.92 -2.83 9.37
C ASP C 163 -7.29 -2.15 10.69
N VAL C 164 -8.55 -2.27 11.11
CA VAL C 164 -9.05 -1.43 12.19
C VAL C 164 -8.36 -1.79 13.51
N PHE C 165 -8.22 -3.07 13.82
CA PHE C 165 -7.57 -3.48 15.06
C PHE C 165 -6.15 -3.97 14.85
N GLY C 166 -5.71 -4.10 13.60
CA GLY C 166 -4.38 -4.63 13.38
C GLY C 166 -4.29 -6.12 13.52
N ASP C 167 -5.41 -6.84 13.40
CA ASP C 167 -5.40 -8.29 13.57
C ASP C 167 -6.16 -9.00 12.47
N ASP C 168 -6.41 -8.33 11.34
CA ASP C 168 -7.07 -8.91 10.17
C ASP C 168 -8.56 -9.14 10.34
N THR C 169 -9.17 -8.68 11.44
CA THR C 169 -10.58 -8.93 11.68
C THR C 169 -11.45 -8.06 10.77
N ILE C 170 -11.05 -6.80 10.58
CA ILE C 170 -11.84 -5.81 9.83
C ILE C 170 -10.88 -4.98 9.00
N ARG C 171 -11.05 -5.01 7.68
CA ARG C 171 -10.23 -4.24 6.76
C ARG C 171 -11.12 -3.48 5.78
N PHE C 172 -10.77 -2.21 5.54
CA PHE C 172 -11.40 -1.41 4.49
C PHE C 172 -10.97 -1.87 3.11
N ILE C 173 -11.92 -2.12 2.23
CA ILE C 173 -11.62 -2.49 0.84
C ILE C 173 -12.20 -1.36 -0.01
N PHE C 174 -11.31 -0.48 -0.49
CA PHE C 174 -11.76 0.72 -1.19
C PHE C 174 -12.46 0.31 -2.48
N THR C 175 -13.67 0.82 -2.69
CA THR C 175 -14.49 0.46 -3.85
C THR C 175 -15.13 1.72 -4.40
N PRO C 176 -14.34 2.62 -4.98
CA PRO C 176 -14.92 3.84 -5.55
C PRO C 176 -15.92 3.54 -6.66
N GLY C 177 -16.86 4.48 -6.84
CA GLY C 177 -17.78 4.41 -7.97
C GLY C 177 -19.18 4.84 -7.57
N HIS C 178 -19.83 4.03 -6.74
CA HIS C 178 -21.14 4.41 -6.20
C HIS C 178 -21.11 5.78 -5.53
N ALA C 179 -20.05 6.06 -4.78
CA ALA C 179 -19.74 7.35 -4.19
C ALA C 179 -18.21 7.49 -4.25
N PRO C 180 -17.70 8.72 -4.31
CA PRO C 180 -16.26 8.87 -4.59
C PRO C 180 -15.38 8.16 -3.57
N GLY C 181 -15.74 8.21 -2.29
CA GLY C 181 -14.95 7.58 -1.25
C GLY C 181 -15.60 6.33 -0.69
N HIS C 182 -16.42 5.65 -1.48
CA HIS C 182 -17.09 4.45 -0.99
C HIS C 182 -16.09 3.35 -0.64
N SER C 183 -16.39 2.62 0.42
CA SER C 183 -15.53 1.51 0.83
C SER C 183 -16.36 0.30 1.24
N SER C 184 -15.90 -0.88 0.84
CA SER C 184 -16.44 -2.14 1.28
C SER C 184 -15.66 -2.64 2.50
N PHE C 185 -16.02 -3.81 3.04
CA PHE C 185 -15.33 -4.37 4.20
C PHE C 185 -15.10 -5.86 4.04
N LEU C 186 -13.85 -6.28 4.29
CA LEU C 186 -13.51 -7.69 4.41
C LEU C 186 -13.33 -8.01 5.89
N LEU C 187 -14.20 -8.86 6.42
CA LEU C 187 -14.10 -9.35 7.80
C LEU C 187 -13.54 -10.76 7.79
N ARG C 188 -12.89 -11.12 8.89
CA ARG C 188 -12.43 -12.49 9.10
C ARG C 188 -12.88 -12.91 10.49
N LEU C 189 -13.68 -13.97 10.54
CA LEU C 189 -14.23 -14.42 11.80
C LEU C 189 -13.80 -15.85 12.07
N PRO C 190 -13.58 -16.21 13.33
CA PRO C 190 -13.00 -17.54 13.65
C PRO C 190 -13.73 -18.72 13.03
N GLU C 191 -15.03 -18.84 13.26
CA GLU C 191 -15.79 -19.98 12.73
C GLU C 191 -16.25 -19.78 11.29
N THR C 192 -16.85 -18.61 10.98
CA THR C 192 -17.37 -18.38 9.64
C THR C 192 -16.25 -18.23 8.61
N GLY C 193 -15.13 -17.64 8.99
CA GLY C 193 -14.09 -17.35 8.04
C GLY C 193 -14.29 -15.97 7.44
N PRO C 194 -13.89 -15.79 6.18
CA PRO C 194 -13.96 -14.46 5.54
C PRO C 194 -15.38 -14.10 5.13
N VAL C 195 -15.76 -12.85 5.44
CA VAL C 195 -17.04 -12.27 5.06
C VAL C 195 -16.79 -10.94 4.37
N LEU C 196 -17.32 -10.79 3.15
CA LEU C 196 -17.11 -9.62 2.32
C LEU C 196 -18.39 -8.81 2.30
N LEU C 197 -18.41 -7.67 3.00
CA LEU C 197 -19.55 -6.76 2.98
C LEU C 197 -19.31 -5.80 1.81
N ALA C 198 -19.99 -6.06 0.69
CA ALA C 198 -19.80 -5.19 -0.46
C ALA C 198 -20.43 -3.82 -0.25
N VAL C 199 -21.44 -3.72 0.62
CA VAL C 199 -22.25 -2.51 0.81
C VAL C 199 -22.65 -1.97 -0.57
N ASP C 200 -22.51 -0.67 -0.79
CA ASP C 200 -23.11 -0.12 -1.99
C ASP C 200 -22.24 -0.25 -3.22
N ALA C 201 -21.12 -0.97 -3.12
CA ALA C 201 -20.37 -1.30 -4.33
C ALA C 201 -21.14 -2.28 -5.21
N ALA C 202 -22.05 -3.08 -4.63
CA ALA C 202 -22.94 -3.92 -5.43
C ALA C 202 -24.28 -4.00 -4.69
N TYR C 203 -25.25 -3.20 -5.15
CA TYR C 203 -26.57 -3.14 -4.52
C TYR C 203 -27.19 -4.53 -4.41
N THR C 204 -27.15 -5.28 -5.51
CA THR C 204 -27.88 -6.55 -5.61
C THR C 204 -27.00 -7.57 -6.31
N THR C 205 -27.50 -8.81 -6.30
CA THR C 205 -26.85 -9.92 -7.00
C THR C 205 -26.71 -9.64 -8.49
N ASP C 206 -27.69 -8.94 -9.08
CA ASP C 206 -27.57 -8.60 -10.49
C ASP C 206 -26.37 -7.69 -10.74
N HIS C 207 -26.12 -6.75 -9.82
CA HIS C 207 -24.93 -5.90 -9.92
C HIS C 207 -23.66 -6.74 -9.86
N TRP C 208 -23.58 -7.63 -8.87
CA TRP C 208 -22.45 -8.54 -8.74
C TRP C 208 -22.18 -9.32 -10.01
N ASP C 209 -23.23 -9.77 -10.68
CA ASP C 209 -23.15 -10.58 -11.89
C ASP C 209 -23.02 -9.73 -13.17
N GLU C 210 -22.84 -8.42 -13.03
CA GLU C 210 -22.65 -7.54 -14.17
C GLU C 210 -23.87 -7.54 -15.11
N LYS C 211 -25.06 -7.64 -14.52
CA LYS C 211 -26.32 -7.51 -15.23
C LYS C 211 -27.04 -6.20 -14.90
N ALA C 212 -26.46 -5.35 -14.07
CA ALA C 212 -27.05 -4.05 -13.78
C ALA C 212 -25.96 -3.08 -13.35
N LEU C 213 -26.24 -1.80 -13.54
CA LEU C 213 -25.41 -0.74 -13.01
C LEU C 213 -26.10 -0.07 -11.84
N PRO C 214 -25.35 0.54 -10.94
CA PRO C 214 -25.98 1.36 -9.89
C PRO C 214 -26.84 2.45 -10.50
N GLY C 215 -28.06 2.60 -9.98
CA GLY C 215 -28.94 3.67 -10.42
C GLY C 215 -28.64 5.02 -9.81
N PHE C 216 -27.73 5.06 -8.84
CA PHE C 216 -27.20 6.27 -8.26
C PHE C 216 -25.71 6.04 -8.16
N LEU C 217 -24.88 6.94 -8.70
CA LEU C 217 -23.44 6.65 -8.75
C LEU C 217 -22.66 7.88 -9.18
N ALA C 218 -21.40 7.90 -8.76
CA ALA C 218 -20.49 8.99 -9.11
C ALA C 218 -19.68 8.66 -10.37
N SER C 219 -19.27 7.40 -10.51
CA SER C 219 -18.44 6.98 -11.64
C SER C 219 -18.80 5.55 -12.00
N THR C 220 -19.34 5.37 -13.21
CA THR C 220 -19.59 4.02 -13.72
C THR C 220 -18.28 3.24 -13.87
N VAL C 221 -17.26 3.90 -14.41
CA VAL C 221 -15.99 3.23 -14.64
C VAL C 221 -15.42 2.72 -13.32
N ASP C 222 -15.33 3.60 -12.31
CA ASP C 222 -14.89 3.13 -11.00
C ASP C 222 -15.81 2.02 -10.48
N ALA C 223 -17.13 2.20 -10.64
CA ALA C 223 -18.09 1.25 -10.08
C ALA C 223 -17.86 -0.16 -10.60
N VAL C 224 -17.75 -0.32 -11.92
CA VAL C 224 -17.65 -1.67 -12.49
C VAL C 224 -16.30 -2.28 -12.16
N ARG C 225 -15.25 -1.46 -12.16
CA ARG C 225 -13.93 -1.97 -11.80
C ARG C 225 -13.88 -2.31 -10.32
N SER C 226 -14.61 -1.58 -9.47
CA SER C 226 -14.66 -1.94 -8.06
C SER C 226 -15.39 -3.26 -7.85
N VAL C 227 -16.44 -3.52 -8.63
CA VAL C 227 -17.10 -4.83 -8.56
C VAL C 227 -16.11 -5.93 -8.94
N ARG C 228 -15.30 -5.71 -9.99
CA ARG C 228 -14.32 -6.73 -10.36
C ARG C 228 -13.21 -6.89 -9.32
N LYS C 229 -12.82 -5.79 -8.66
CA LYS C 229 -11.87 -5.90 -7.56
C LYS C 229 -12.43 -6.83 -6.47
N LEU C 230 -13.70 -6.66 -6.12
CA LEU C 230 -14.34 -7.53 -5.13
C LEU C 230 -14.50 -8.96 -5.62
N HIS C 231 -14.76 -9.16 -6.92
CA HIS C 231 -14.76 -10.51 -7.49
C HIS C 231 -13.46 -11.23 -7.18
N ALA C 232 -12.34 -10.57 -7.46
CA ALA C 232 -11.05 -11.22 -7.29
C ALA C 232 -10.76 -11.45 -5.82
N LEU C 233 -11.18 -10.52 -4.96
CA LEU C 233 -10.99 -10.73 -3.53
C LEU C 233 -11.80 -11.91 -3.04
N ALA C 234 -13.08 -12.00 -3.44
CA ALA C 234 -13.90 -13.13 -3.03
C ALA C 234 -13.36 -14.46 -3.56
N GLU C 235 -12.90 -14.48 -4.81
CA GLU C 235 -12.34 -15.72 -5.38
C GLU C 235 -11.06 -16.13 -4.67
N LYS C 236 -10.22 -15.16 -4.30
CA LYS C 236 -8.99 -15.45 -3.57
C LYS C 236 -9.28 -15.96 -2.16
N THR C 237 -10.21 -15.32 -1.44
CA THR C 237 -10.42 -15.63 -0.03
C THR C 237 -11.48 -16.70 0.22
N GLY C 238 -12.32 -17.00 -0.78
CA GLY C 238 -13.51 -17.81 -0.52
C GLY C 238 -14.54 -17.13 0.36
N ALA C 239 -14.60 -15.79 0.33
CA ALA C 239 -15.44 -15.06 1.27
C ALA C 239 -16.92 -15.31 1.02
N LEU C 240 -17.68 -15.27 2.10
CA LEU C 240 -19.13 -15.10 2.00
C LEU C 240 -19.43 -13.69 1.49
N VAL C 241 -20.10 -13.60 0.36
CA VAL C 241 -20.34 -12.32 -0.31
C VAL C 241 -21.70 -11.79 0.15
N VAL C 242 -21.73 -10.58 0.69
CA VAL C 242 -22.98 -9.96 1.13
C VAL C 242 -23.19 -8.69 0.31
N THR C 243 -24.22 -8.68 -0.54
CA THR C 243 -24.45 -7.47 -1.31
C THR C 243 -25.14 -6.44 -0.41
N GLY C 244 -25.19 -5.20 -0.89
CA GLY C 244 -25.60 -4.11 -0.03
C GLY C 244 -27.08 -4.10 0.31
N HIS C 245 -27.92 -4.55 -0.63
CA HIS C 245 -29.36 -4.37 -0.47
C HIS C 245 -30.22 -5.50 -1.02
N ASP C 246 -29.67 -6.63 -1.42
CA ASP C 246 -30.44 -7.51 -2.31
C ASP C 246 -31.67 -8.05 -1.60
N PRO C 247 -32.89 -7.73 -2.07
CA PRO C 247 -34.10 -8.16 -1.35
C PRO C 247 -34.28 -9.66 -1.35
N GLU C 248 -33.90 -10.37 -2.41
CA GLU C 248 -34.07 -11.81 -2.41
C GLU C 248 -33.01 -12.52 -1.56
N ALA C 249 -31.81 -11.93 -1.46
CA ALA C 249 -30.75 -12.57 -0.69
C ALA C 249 -30.83 -12.24 0.80
N TRP C 250 -31.32 -11.04 1.15
CA TRP C 250 -31.35 -10.58 2.56
C TRP C 250 -31.99 -11.56 3.53
N PRO C 251 -33.14 -12.18 3.24
CA PRO C 251 -33.71 -13.15 4.19
C PRO C 251 -32.85 -14.39 4.42
N THR C 252 -31.89 -14.67 3.53
CA THR C 252 -31.10 -15.89 3.65
C THR C 252 -29.94 -15.74 4.63
N PHE C 253 -29.65 -14.53 5.09
CA PHE C 253 -28.56 -14.34 6.04
C PHE C 253 -29.09 -14.42 7.47
N ARG C 254 -28.19 -14.65 8.41
CA ARG C 254 -28.54 -14.55 9.81
C ARG C 254 -28.65 -13.09 10.20
N HIS C 255 -29.73 -12.77 10.90
CA HIS C 255 -29.94 -11.40 11.39
C HIS C 255 -29.99 -11.41 12.92
N ALA C 256 -29.57 -10.32 13.53
CA ALA C 256 -29.66 -10.16 15.00
C ALA C 256 -31.07 -10.50 15.48
N PRO C 257 -31.23 -11.34 16.52
CA PRO C 257 -30.15 -11.62 17.47
C PRO C 257 -29.10 -12.68 17.08
N GLU C 258 -29.31 -13.44 16.02
CA GLU C 258 -28.35 -14.38 15.50
C GLU C 258 -27.14 -13.64 14.91
N TYR C 259 -26.03 -14.36 14.80
CA TYR C 259 -24.74 -13.74 14.48
C TYR C 259 -23.90 -14.73 13.70
N TYR C 260 -22.78 -14.22 13.19
CA TYR C 260 -21.74 -15.00 12.54
C TYR C 260 -20.52 -15.00 13.45
N ALA C 261 -20.03 -16.19 13.78
CA ALA C 261 -18.86 -16.29 14.64
C ALA C 261 -17.64 -16.72 13.83
#